data_5A1Z
#
_entry.id   5A1Z
#
_cell.length_a   1.000
_cell.length_b   1.000
_cell.length_c   1.000
_cell.angle_alpha   90.00
_cell.angle_beta   90.00
_cell.angle_gamma   90.00
#
_symmetry.space_group_name_H-M   'P 1'
#
loop_
_entity.id
_entity.type
_entity.pdbx_description
1 polymer 'ENVELOPE PROTEIN'
2 polymer 'MEMBRANE GLYCOPROTEIN'
3 polymer 'ANTIGEN-BINDING FRAGMENT OF HUMAN ANTIBODY 2D22 - HEAVY CHAIN'
4 polymer 'ANTIGEN-BINDING FRAGMENT OF HUMAN ANTIBODY 2D22 - LIGHT CHAIN'
#
loop_
_entity_poly.entity_id
_entity_poly.type
_entity_poly.pdbx_seq_one_letter_code
_entity_poly.pdbx_strand_id
1 'polypeptide(L)'
;MRCIGISNRDFVEGVSGGSWVDIVLEHGSCVTTMAKNKPTLDFELIKTEAKHPATLRKYCVEAKLTNTTTASRCPTQGEP
SLNEEQDKRFVCKHSMVDRGWGNGCGLFGKGGIVTCAMFTCKKNMEGKVVQPENLEYTIVITPHSGEENAVGNDTGKHGK
EIKVTPQSSITEAELTGYGTVTMECSPRTGLDFNEMVLLQMENKAWLVHRQWFLDLPLPWLPGADTQGSNWIQKETLVTF
KNPHAKKQDVVVLGSQEGAMHTALTGATEIQMSSGNLLFTGHLKCRLRMDKLQLKGMSYSMCTGKFKVVKEIAETQHGTI
VIRVQYEGDGSPCKIPFEIMDLEKRHVLGRLITVNPIVTEKDSPVNIEAEPPFGDSYIIIGVEPGQLKLSWFKKGSSIGQ
MFETTMRGAKRMAILGDTAWDFGSLGGVFTSIGKALHQVFGAIYGAAFSGVSWTMKILIGVVITWIGMNSRSTSLSVSLV
LVGVVTLYLGVMVQA
;
A,C,E
2 'polypeptide(L)' SVALVPHVGMGLETRTETWMSSEGAWKHAQRIETWILRHPGFTIMAAILAYTIGTTYFQRVLIFILLTAVTP B,D,F
3 'polypeptide(L)'
;EVQLVESGAEVKKPGSSVKVSCKASGGTFNNYAISWVRQAPGQGLEWMGGIIPIFGGANYAQKFQGRVTITADRSTSTVY
MELSGLRSEDTAVYYCARRPQSIFDWNFDLWGRGTLVTVSSAGTKGPS
;
G,I,K
4 'polypeptide(L)'
;QSVLTQPPSASGTPGQRVTISCSGSSSNVGSNYVYWYQQLPGTAPKLLIYRNNRRPSGVPDRFSGSKSGTSASLAISGLR
SEDEADYYCATWDDSLSGLVFGGGTKLTVLGQPKA
;
H,J,L
#
# COMPACT_ATOMS: atom_id res chain seq x y z
CA MET A 1 -18.21 -23.28 -52.38
CA ARG A 2 -19.01 -22.54 -48.82
CA CYS A 3 -19.56 -18.83 -48.99
CA ILE A 4 -22.70 -18.60 -51.22
CA GLY A 5 -24.91 -16.09 -49.43
CA ILE A 6 -23.71 -14.30 -46.35
CA SER A 7 -26.07 -11.20 -46.22
CA ASN A 8 -23.06 -8.95 -46.16
CA ARG A 9 -20.66 -9.39 -49.15
CA ASP A 10 -19.23 -7.14 -51.78
CA PHE A 11 -17.34 -7.15 -54.97
CA VAL A 12 -13.95 -5.41 -55.09
CA GLU A 13 -12.90 -4.41 -58.55
CA GLY A 14 -9.21 -3.35 -58.36
CA VAL A 15 -6.21 -5.22 -59.52
CA SER A 16 -4.05 -2.11 -58.63
CA GLY A 17 -0.79 -0.99 -60.06
CA GLY A 18 1.96 -3.48 -59.25
CA SER A 19 -0.63 -5.97 -57.96
CA TRP A 20 -1.16 -3.82 -54.74
CA VAL A 21 -4.84 -4.29 -53.71
CA ASP A 22 -6.06 -3.16 -50.27
CA ILE A 23 -8.96 -5.16 -48.57
CA VAL A 24 -10.68 -5.49 -45.17
CA LEU A 25 -12.83 -8.29 -43.75
CA GLU A 26 -14.31 -8.21 -40.22
CA HIS A 27 -15.34 -11.96 -39.83
CA GLY A 28 -18.95 -10.91 -40.21
CA SER A 29 -18.57 -10.34 -43.89
CA CYS A 30 -16.91 -12.05 -46.81
CA VAL A 31 -14.93 -10.18 -49.37
CA THR A 32 -15.38 -11.32 -52.86
CA THR A 33 -12.87 -9.51 -54.92
CA MET A 34 -13.10 -9.09 -58.71
CA ALA A 35 -10.18 -8.81 -60.96
CA LYS A 36 -10.10 -7.67 -64.56
CA ASN A 37 -8.38 -10.24 -66.96
CA LYS A 38 -7.52 -12.49 -64.06
CA PRO A 39 -9.38 -15.15 -61.89
CA THR A 40 -11.35 -14.07 -58.87
CA LEU A 41 -11.33 -15.30 -55.34
CA ASP A 42 -13.87 -15.70 -52.53
CA PHE A 43 -12.44 -14.79 -49.13
CA GLU A 44 -14.07 -16.44 -46.09
CA LEU A 45 -12.90 -15.73 -42.55
CA ILE A 46 -13.25 -18.61 -39.90
CA LYS A 47 -11.23 -19.49 -36.68
CA THR A 48 -8.80 -17.28 -34.98
CA GLU A 49 -7.04 -19.51 -32.34
CA ALA A 50 -4.63 -18.47 -29.65
CA LYS A 51 -2.36 -20.35 -27.16
CA HIS A 52 -0.86 -19.39 -23.69
CA PRO A 53 -3.13 -16.48 -22.51
CA ALA A 54 -1.84 -14.92 -19.36
CA THR A 55 -4.47 -14.97 -16.62
CA LEU A 56 -5.42 -12.01 -14.40
CA ARG A 57 -8.24 -10.99 -11.98
CA LYS A 58 -11.18 -13.21 -11.26
CA TYR A 59 -14.45 -12.03 -9.87
CA CYS A 60 -17.04 -14.25 -8.29
CA VAL A 61 -20.71 -14.24 -8.62
CA GLU A 62 -21.86 -16.40 -5.81
CA ALA A 63 -20.47 -16.40 -2.43
CA LYS A 64 -21.28 -18.50 0.58
CA LEU A 65 -20.39 -18.03 4.22
CA THR A 66 -19.22 -20.56 6.77
CA ASN A 67 -18.01 -20.53 10.40
CA THR A 68 -19.50 -17.01 11.13
CA THR A 69 -18.66 -15.18 14.35
CA THR A 70 -19.11 -11.85 16.11
CA ALA A 71 -17.86 -9.80 19.09
CA SER A 72 -18.29 -6.42 20.78
CA ARG A 73 -16.38 -4.40 23.29
CA CYS A 74 -17.75 -2.56 26.39
CA PRO A 75 -20.05 0.52 25.92
CA THR A 76 -17.79 3.59 25.59
CA GLN A 77 -14.66 1.55 25.85
CA GLY A 78 -12.55 -0.24 23.33
CA GLU A 79 -13.40 -0.96 19.72
CA PRO A 80 -15.32 -4.13 18.83
CA SER A 81 -12.87 -6.92 18.21
CA LEU A 82 -12.33 -10.63 17.97
CA ASN A 83 -9.35 -13.10 17.10
CA GLU A 84 -10.81 -14.23 13.76
CA GLU A 85 -10.71 -10.58 12.47
CA GLN A 86 -7.16 -11.14 11.51
CA ASP A 87 -7.83 -12.93 8.24
CA LYS A 88 -9.41 -11.04 5.35
CA ARG A 89 -11.77 -13.92 4.78
CA PHE A 90 -13.39 -12.78 8.07
CA VAL A 91 -14.95 -9.56 6.67
CA CYS A 92 -16.45 -7.08 9.21
CA LYS A 93 -18.26 -3.78 9.69
CA HIS A 94 -18.46 -1.71 12.89
CA SER A 95 -21.97 -1.07 14.22
CA MET A 96 -23.36 0.36 17.44
CA VAL A 97 -25.27 -1.67 19.98
CA ASP A 98 -27.05 -0.48 23.03
CA ARG A 99 -27.30 -2.72 25.99
CA GLY A 100 -29.45 -2.88 29.11
CA TRP A 101 -27.68 -3.48 32.46
CA GLY A 102 -26.11 -6.99 32.56
CA ASN A 103 -25.81 -7.14 28.81
CA GLY A 104 -22.83 -4.97 28.93
CA CYS A 105 -22.12 -3.07 32.08
CA GLY A 106 -23.55 -1.10 34.88
CA LEU A 107 -22.64 1.98 32.93
CA PHE A 108 -24.69 0.96 29.80
CA GLY A 109 -25.34 3.13 26.73
CA LYS A 110 -23.83 2.69 23.17
CA GLY A 111 -21.21 0.10 22.43
CA GLY A 112 -19.77 -1.53 19.41
CA ILE A 113 -20.42 -4.76 17.52
CA VAL A 114 -18.62 -6.46 14.65
CA THR A 115 -19.81 -9.43 12.78
CA CYS A 116 -17.33 -11.74 11.25
CA ALA A 117 -18.09 -14.12 8.36
CA MET A 118 -15.65 -16.37 6.53
CA PHE A 119 -16.18 -15.85 2.79
CA THR A 120 -15.92 -18.75 0.25
CA CYS A 121 -16.35 -18.20 -3.52
CA LYS A 122 -18.61 -20.20 -5.82
CA LYS A 123 -18.34 -19.69 -9.65
CA ASN A 124 -15.64 -17.08 -10.41
CA MET A 125 -15.07 -15.73 -13.98
CA GLU A 126 -11.18 -15.72 -14.67
CA GLY A 127 -10.13 -12.82 -16.75
CA LYS A 128 -7.05 -13.08 -18.86
CA VAL A 129 -5.26 -11.06 -21.60
CA VAL A 130 -3.75 -12.19 -24.94
CA GLN A 131 -0.42 -11.40 -26.72
CA PRO A 132 -0.84 -10.40 -30.44
CA GLU A 133 1.67 -13.26 -31.23
CA ASN A 134 -0.92 -15.77 -29.70
CA LEU A 135 -3.40 -15.00 -32.46
CA GLU A 136 -3.35 -16.89 -35.62
CA TYR A 137 -6.13 -16.18 -38.13
CA THR A 138 -7.50 -18.60 -40.65
CA ILE A 139 -8.39 -16.94 -43.97
CA VAL A 140 -9.71 -19.22 -46.58
CA ILE A 141 -9.37 -18.40 -50.26
CA THR A 142 -11.06 -20.40 -52.99
CA PRO A 143 -11.74 -19.66 -56.69
CA HIS A 144 -15.29 -19.18 -57.91
CA SER A 145 -15.19 -21.35 -61.04
CA GLY A 146 -16.25 -24.98 -60.94
CA GLU A 147 -15.81 -27.63 -58.42
CA GLU A 148 -12.58 -29.65 -58.21
CA ASN A 149 -11.61 -29.55 -54.54
CA ALA A 150 -14.08 -31.54 -54.31
CA VAL A 151 -16.34 -30.14 -51.63
CA GLY A 152 -19.05 -32.25 -49.77
CA ASN A 153 -16.58 -35.17 -49.13
CA ASP A 154 -13.20 -35.86 -47.57
CA THR A 155 -11.59 -35.01 -50.94
CA GLY A 156 -12.55 -31.45 -50.42
CA LYS A 157 -9.86 -29.00 -49.64
CA HIS A 158 -12.25 -26.01 -50.00
CA GLY A 159 -9.52 -24.08 -51.80
CA LYS A 160 -7.20 -24.62 -48.81
CA GLU A 161 -6.64 -22.43 -45.78
CA ILE A 162 -3.73 -19.97 -45.35
CA LYS A 163 -3.26 -19.73 -41.66
CA VAL A 164 -1.46 -16.40 -40.92
CA THR A 165 0.38 -15.44 -37.75
CA PRO A 166 1.85 -11.85 -37.06
CA GLN A 167 5.19 -13.74 -36.58
CA SER A 168 5.27 -14.01 -40.35
CA SER A 169 2.84 -11.38 -41.39
CA ILE A 170 3.43 -12.02 -45.09
CA THR A 171 2.37 -15.68 -45.94
CA GLU A 172 1.99 -17.14 -49.41
CA ALA A 173 -1.26 -18.87 -50.44
CA GLU A 174 -0.41 -21.86 -52.45
CA LEU A 175 -3.34 -22.52 -54.70
CA THR A 176 -2.88 -25.44 -57.10
CA GLY A 177 -3.69 -24.67 -60.83
CA TYR A 178 -3.94 -20.92 -60.27
CA GLY A 179 -0.80 -19.57 -58.72
CA THR A 180 -0.41 -17.94 -55.42
CA VAL A 181 -1.85 -14.66 -53.95
CA THR A 182 0.46 -13.13 -51.33
CA MET A 183 -1.25 -11.95 -48.21
CA GLU A 184 0.00 -9.29 -45.82
CA CYS A 185 -2.17 -9.36 -42.79
CA SER A 186 -1.96 -7.05 -39.83
CA PRO A 187 -4.88 -7.32 -37.32
CA ARG A 188 -2.25 -6.01 -34.84
CA THR A 189 -3.58 -2.48 -34.85
CA GLY A 190 -6.81 -3.73 -36.38
CA LEU A 191 -8.25 -4.87 -32.97
CA ASP A 192 -5.39 -4.25 -30.55
CA PHE A 193 -4.27 -7.07 -28.13
CA ASN A 194 -3.08 -6.59 -24.51
CA GLU A 195 -6.01 -4.20 -24.45
CA MET A 196 -8.55 -6.96 -24.40
CA VAL A 197 -9.99 -9.18 -21.56
CA LEU A 198 -10.76 -12.76 -22.41
CA LEU A 199 -12.98 -13.98 -19.59
CA GLN A 200 -14.89 -17.23 -19.22
CA MET A 201 -17.58 -18.98 -17.21
CA GLU A 202 -19.32 -22.39 -17.57
CA ASN A 203 -20.76 -22.47 -21.10
CA LYS A 204 -20.45 -18.85 -21.89
CA ALA A 205 -17.43 -16.57 -22.31
CA TRP A 206 -16.78 -13.02 -23.40
CA LEU A 207 -14.16 -10.70 -24.67
CA VAL A 208 -14.42 -7.28 -22.84
CA HIS A 209 -12.33 -4.04 -22.74
CA ARG A 210 -9.63 -4.44 -20.13
CA GLN A 211 -9.89 -1.09 -18.43
CA TRP A 212 -13.70 -1.62 -17.92
CA PHE A 213 -13.23 -5.06 -16.47
CA LEU A 214 -10.65 -4.00 -13.97
CA ASP A 215 -13.11 -1.29 -12.81
CA LEU A 216 -15.91 -3.80 -12.20
CA PRO A 217 -16.90 -3.53 -8.49
CA LEU A 218 -17.03 -7.03 -7.09
CA PRO A 219 -14.49 -8.80 -4.95
CA TRP A 220 -11.20 -9.60 -6.84
CA LEU A 221 -8.63 -12.38 -6.78
CA PRO A 222 -5.60 -11.80 -9.23
CA GLY A 223 -4.94 -15.53 -9.59
CA ALA A 224 -1.43 -14.60 -8.32
CA ASP A 225 -1.81 -16.78 -5.27
CA THR A 226 -4.99 -18.90 -5.18
CA GLN A 227 -3.37 -20.97 -2.44
CA GLY A 228 -5.48 -19.23 0.20
CA SER A 229 -8.56 -18.09 -1.83
CA ASN A 230 -7.68 -14.48 -0.99
CA TRP A 231 -10.16 -11.78 -1.87
CA ILE A 232 -10.54 -8.16 -1.41
CA GLN A 233 -13.63 -5.99 -0.94
CA LYS A 234 -16.43 -8.22 0.27
CA GLU A 235 -18.89 -5.39 0.77
CA THR A 236 -19.77 -5.64 -2.94
CA LEU A 237 -20.88 -9.15 -2.03
CA VAL A 238 -22.31 -10.20 1.35
CA THR A 239 -24.16 -8.01 3.59
CA PHE A 240 -24.90 -7.64 7.19
CA LYS A 241 -28.60 -6.90 7.98
CA ASN A 242 -29.10 -5.03 11.21
CA PRO A 243 -32.71 -3.84 11.94
CA HIS A 244 -33.17 -1.81 15.04
CA ALA A 245 -30.26 -0.48 17.17
CA LYS A 246 -29.34 -3.96 18.19
CA LYS A 247 -28.59 -7.38 16.68
CA GLN A 248 -26.51 -7.91 13.51
CA ASP A 249 -26.69 -10.98 11.28
CA VAL A 250 -24.99 -11.93 8.00
CA VAL A 251 -26.58 -13.06 4.78
CA VAL A 252 -24.83 -14.57 1.69
CA LEU A 253 -26.39 -11.98 -0.66
CA GLY A 254 -27.39 -13.08 -4.11
CA SER A 255 -25.51 -14.82 -6.90
CA GLN A 256 -24.68 -11.71 -8.98
CA GLU A 257 -24.87 -13.86 -12.25
CA GLY A 258 -28.06 -11.92 -13.21
CA ALA A 259 -26.84 -8.43 -12.82
CA MET A 260 -23.36 -9.46 -14.09
CA HIS A 261 -24.70 -10.36 -17.55
CA THR A 262 -27.04 -7.31 -17.74
CA ALA A 263 -23.89 -5.10 -17.70
CA LEU A 264 -22.22 -7.68 -20.08
CA THR A 265 -24.75 -6.79 -22.67
CA GLY A 266 -22.45 -4.83 -24.92
CA ALA A 267 -19.81 -7.56 -24.66
CA THR A 268 -19.33 -10.11 -27.37
CA GLU A 269 -19.47 -13.80 -26.98
CA ILE A 270 -16.25 -15.55 -27.60
CA GLN A 271 -15.03 -19.16 -27.68
CA MET A 272 -13.43 -20.30 -24.45
CA SER A 273 -16.02 -22.84 -23.39
CA SER A 274 -13.43 -25.26 -24.67
CA GLY A 275 -11.77 -23.05 -27.31
CA ASN A 276 -9.18 -20.35 -27.13
CA LEU A 277 -10.17 -18.60 -30.37
CA LEU A 278 -11.73 -15.17 -30.55
CA PHE A 279 -14.74 -15.94 -32.84
CA THR A 280 -16.08 -12.99 -34.77
CA GLY A 281 -12.69 -11.25 -35.22
CA HIS A 282 -11.37 -8.45 -37.64
CA LEU A 283 -8.65 -8.91 -40.15
CA LYS A 284 -7.39 -6.74 -42.84
CA CYS A 285 -4.55 -7.19 -45.30
CA ARG A 286 -3.02 -6.39 -48.59
CA LEU A 287 -3.95 -8.63 -51.36
CA ARG A 288 -0.92 -8.90 -53.48
CA MET A 289 -1.77 -10.76 -56.75
CA ASP A 290 1.84 -11.54 -57.43
CA LYS A 291 1.50 -14.56 -59.57
CA LEU A 292 -2.07 -15.35 -60.69
CA GLN A 293 -3.21 -17.13 -63.84
CA LEU A 294 -6.60 -18.40 -64.97
CA LYS A 295 -5.30 -21.90 -65.25
CA GLY A 296 -3.93 -20.88 -68.77
CA MET A 297 -5.72 -21.28 -72.09
CA SER A 298 -4.87 -24.40 -74.07
CA TYR A 299 -8.09 -26.31 -73.25
CA SER A 300 -10.97 -27.25 -75.32
CA MET A 301 -13.93 -25.05 -75.90
CA CYS A 302 -16.89 -27.35 -75.67
CA THR A 303 -18.93 -28.42 -78.59
CA GLY A 304 -22.64 -29.38 -78.48
CA LYS A 305 -24.62 -31.41 -75.92
CA PHE A 306 -25.56 -29.12 -73.01
CA LYS A 307 -28.28 -29.16 -70.37
CA VAL A 308 -29.16 -26.95 -67.26
CA VAL A 309 -29.36 -28.10 -63.59
CA LYS A 310 -31.91 -26.20 -61.49
CA GLU A 311 -33.50 -22.70 -61.60
CA ILE A 312 -31.70 -19.42 -61.92
CA ALA A 313 -32.11 -16.56 -59.43
CA GLU A 314 -30.12 -14.12 -57.29
CA THR A 315 -28.33 -14.61 -53.98
CA GLN A 316 -26.95 -11.45 -52.31
CA HIS A 317 -28.40 -9.27 -55.01
CA GLY A 318 -26.48 -8.58 -58.30
CA THR A 319 -25.72 -12.33 -58.40
CA ILE A 320 -27.12 -15.34 -59.97
CA VAL A 321 -26.15 -18.99 -59.62
CA ILE A 322 -26.69 -22.08 -61.81
CA ARG A 323 -25.25 -25.59 -62.34
CA VAL A 324 -25.13 -26.98 -65.82
CA GLN A 325 -24.14 -30.14 -67.46
CA TYR A 326 -22.07 -31.17 -70.54
CA GLU A 327 -21.24 -34.69 -71.57
CA GLY A 328 -18.91 -34.26 -74.55
CA ASP A 329 -15.40 -34.73 -75.48
CA GLY A 330 -12.38 -35.03 -73.20
CA SER A 331 -9.98 -32.37 -71.81
CA PRO A 332 -11.36 -29.60 -69.43
CA CYS A 333 -13.96 -27.72 -71.25
CA LYS A 334 -14.53 -23.85 -71.13
CA ILE A 335 -18.13 -22.60 -71.09
CA PRO A 336 -18.95 -19.62 -73.27
CA PHE A 337 -21.22 -18.05 -70.73
CA GLU A 338 -21.93 -14.55 -71.73
CA ILE A 339 -24.54 -11.90 -71.34
CA MET A 340 -25.81 -10.76 -74.70
CA ASP A 341 -28.41 -8.05 -75.53
CA LEU A 342 -32.00 -8.64 -76.97
CA GLU A 343 -31.70 -9.54 -80.64
CA LYS A 344 -28.03 -8.32 -81.05
CA ARG A 345 -24.56 -9.46 -80.03
CA HIS A 346 -23.59 -6.82 -77.51
CA VAL A 347 -22.00 -7.54 -74.07
CA LEU A 348 -23.29 -5.47 -71.27
CA GLY A 349 -22.90 -7.91 -68.33
CA ARG A 350 -19.83 -9.47 -66.75
CA LEU A 351 -19.07 -12.91 -65.15
CA ILE A 352 -18.31 -12.75 -61.45
CA THR A 353 -16.99 -16.40 -61.79
CA VAL A 354 -14.80 -15.27 -64.67
CA ASN A 355 -13.42 -18.00 -67.00
CA PRO A 356 -15.53 -21.04 -65.93
CA ILE A 357 -13.94 -24.40 -66.62
CA VAL A 358 -15.29 -27.96 -66.04
CA THR A 359 -12.67 -30.54 -65.21
CA GLU A 360 -14.84 -33.67 -65.16
CA LYS A 361 -17.18 -33.28 -68.20
CA ASP A 362 -19.93 -35.52 -66.75
CA SER A 363 -20.59 -33.65 -63.59
CA PRO A 364 -22.02 -30.12 -62.83
CA VAL A 365 -20.02 -27.03 -61.85
CA ASN A 366 -20.95 -23.82 -59.86
CA ILE A 367 -21.10 -20.94 -62.31
CA GLU A 368 -22.08 -17.37 -61.21
CA ALA A 369 -22.34 -14.05 -62.86
CA GLU A 370 -22.97 -10.32 -62.23
CA PRO A 371 -26.18 -9.73 -64.26
CA PRO A 372 -27.18 -6.16 -65.14
CA PHE A 373 -30.69 -5.02 -64.06
CA GLY A 374 -31.42 -3.95 -67.75
CA ASP A 375 -33.05 -6.51 -70.00
CA SER A 376 -30.52 -9.14 -71.47
CA TYR A 377 -30.73 -12.69 -72.80
CA ILE A 378 -27.97 -14.51 -70.96
CA ILE A 379 -26.38 -17.31 -73.11
CA ILE A 380 -24.80 -20.37 -71.75
CA GLY A 381 -25.26 -22.33 -75.05
CA VAL A 382 -22.48 -23.37 -77.50
CA GLU A 383 -22.41 -23.47 -81.32
CA PRO A 384 -26.18 -23.16 -82.37
CA GLY A 385 -26.49 -21.20 -79.11
CA GLN A 386 -27.60 -24.28 -77.23
CA LEU A 387 -29.41 -22.72 -74.27
CA LYS A 388 -30.41 -19.08 -74.05
CA LEU A 389 -32.13 -17.96 -70.91
CA SER A 390 -34.35 -14.82 -70.27
CA TRP A 391 -34.28 -13.38 -66.77
CA PHE A 392 -34.56 -9.96 -65.20
CA LYS A 393 -33.45 -8.18 -62.10
CA LYS A 394 -35.37 -5.15 -60.83
CA GLY A 395 -32.81 -3.36 -58.76
CA SER A 396 -31.76 -0.33 -60.86
CA SER A 397 -28.97 2.37 -60.60
CA ILE A 398 -31.11 4.47 -58.20
CA GLY A 399 -31.44 1.24 -56.06
CA GLN A 400 -27.68 0.94 -56.13
CA MET A 401 -26.99 3.90 -53.82
CA PHE A 402 -29.20 2.52 -51.10
CA GLU A 403 -27.05 -0.66 -51.12
CA THR A 404 -23.91 0.80 -52.58
CA THR A 405 -23.57 3.79 -50.17
CA MET A 406 -25.73 2.26 -47.32
CA ARG A 407 -23.48 -0.76 -47.14
CA GLY A 408 -20.45 1.36 -47.73
CA ALA A 409 -21.59 3.66 -44.84
CA LYS A 410 -22.23 0.68 -42.59
CA ARG A 411 -18.76 -0.47 -42.71
CA MET A 412 -17.59 3.00 -41.64
CA ALA A 413 -19.63 2.79 -38.59
CA ILE A 414 -18.51 -0.62 -37.40
CA LEU A 415 -14.85 -0.20 -38.32
CA GLY A 416 -14.30 3.57 -38.30
CA ASP A 417 -10.95 4.68 -39.56
CA THR A 418 -9.43 1.36 -40.68
CA ALA A 419 -12.44 0.77 -43.17
CA TRP A 420 -10.65 2.96 -45.66
CA ASP A 421 -8.00 0.21 -46.24
CA PHE A 422 -10.71 -1.14 -48.67
CA GLY A 423 -9.73 1.41 -51.28
CA SER A 424 -7.38 0.45 -54.19
CA LEU A 425 -3.98 2.06 -54.03
CA GLY A 426 -2.81 5.21 -52.26
CA GLY A 427 -0.95 7.95 -54.13
CA VAL A 428 -2.28 11.05 -52.01
CA PHE A 429 -5.79 10.25 -53.48
CA THR A 430 -7.18 8.22 -50.55
CA SER A 431 -4.50 9.02 -47.94
CA ILE A 432 -5.94 12.41 -47.22
CA GLY A 433 -9.46 10.82 -47.29
CA LYS A 434 -8.50 8.53 -44.59
CA ALA A 435 -7.06 11.53 -42.68
CA LEU A 436 -10.49 13.13 -43.07
CA HIS A 437 -11.70 10.10 -41.11
CA GLN A 438 -8.92 10.17 -38.54
CA VAL A 439 -10.53 13.49 -37.41
CA PHE A 440 -13.64 11.62 -36.42
CA GLY A 441 -11.69 8.42 -36.38
CA ALA A 442 -9.20 9.52 -33.61
CA ILE A 443 -10.92 12.60 -32.15
CA TYR A 444 -14.48 13.91 -31.88
CA GLY A 445 -16.50 10.90 -33.39
CA ALA A 446 -14.15 8.59 -31.38
CA ALA A 447 -13.42 10.72 -28.35
CA PHE A 448 -17.02 11.79 -27.24
CA SER A 449 -17.17 8.28 -25.99
CA GLY A 450 -19.37 7.11 -23.12
CA VAL A 451 -22.56 7.01 -25.12
CA SER A 452 -25.48 4.67 -25.56
CA TRP A 453 -27.47 3.77 -28.64
CA THR A 454 -30.49 5.34 -26.91
CA MET A 455 -28.43 8.37 -25.59
CA LYS A 456 -27.32 9.22 -29.13
CA ILE A 457 -30.82 9.88 -30.55
CA LEU A 458 -31.53 11.60 -27.24
CA ILE A 459 -28.25 13.56 -27.56
CA GLY A 460 -28.45 13.55 -31.32
CA VAL A 461 -31.37 16.02 -31.25
CA VAL A 462 -29.50 18.73 -29.13
CA ILE A 463 -26.78 19.12 -31.73
CA THR A 464 -29.13 19.58 -34.74
CA TRP A 465 -30.99 22.14 -32.73
CA ILE A 466 -27.73 24.09 -31.72
CA GLY A 467 -27.17 24.09 -35.57
CA MET A 468 -30.55 24.94 -37.16
CA ASN A 469 -31.17 27.92 -34.93
CA SER A 470 -28.57 30.43 -36.10
CA ARG A 471 -28.17 33.83 -37.53
CA SER A 472 -25.55 36.22 -39.14
CA THR A 473 -24.20 33.73 -41.73
CA SER A 474 -22.88 31.78 -38.67
CA LEU A 475 -24.93 28.78 -39.77
CA SER A 476 -22.48 28.02 -42.65
CA VAL A 477 -19.80 26.79 -40.15
CA SER A 478 -22.34 25.56 -37.56
CA LEU A 479 -24.12 22.94 -39.75
CA VAL A 480 -20.82 21.25 -40.35
CA LEU A 481 -20.70 20.33 -36.62
CA VAL A 482 -24.03 18.64 -37.18
CA GLY A 483 -23.12 17.00 -40.48
CA VAL A 484 -22.79 13.26 -39.93
CA VAL A 485 -22.36 13.14 -36.15
CA THR A 486 -25.50 11.04 -34.93
CA LEU A 487 -27.35 10.99 -38.26
CA TYR A 488 -25.95 7.56 -39.29
CA LEU A 489 -24.21 6.74 -35.99
CA GLY A 490 -27.21 6.99 -33.74
CA VAL A 491 -29.52 4.49 -35.42
CA MET A 492 -27.00 1.69 -36.26
CA VAL A 493 -24.35 1.84 -33.37
CA GLN A 494 -24.14 -1.08 -31.13
CA ALA A 495 -25.90 -3.62 -33.41
CA SER B 1 -25.82 -4.11 -8.19
CA VAL B 2 -23.42 -4.33 -11.19
CA ALA B 3 -26.29 -4.18 -13.72
CA LEU B 4 -25.60 -0.49 -13.86
CA VAL B 5 -22.74 0.52 -16.26
CA PRO B 6 -23.19 -1.33 -19.64
CA HIS B 7 -20.36 -2.36 -22.05
CA VAL B 8 -21.82 -0.17 -24.76
CA GLY B 9 -20.06 3.14 -23.94
CA MET B 10 -16.64 1.64 -24.28
CA GLY B 11 -16.88 2.19 -28.07
CA LEU B 12 -16.08 -1.46 -28.81
CA GLU B 13 -18.27 -3.11 -31.41
CA THR B 14 -18.19 -6.14 -33.77
CA ARG B 15 -20.31 -6.61 -36.89
CA THR B 16 -22.33 -9.41 -35.36
CA GLU B 17 -24.96 -9.23 -32.57
CA THR B 18 -23.59 -9.00 -29.07
CA TRP B 19 -24.74 -10.55 -25.82
CA MET B 20 -28.16 -8.89 -25.51
CA SER B 21 -29.23 -6.82 -28.42
CA SER B 22 -32.43 -8.49 -29.44
CA GLU B 23 -34.14 -7.55 -26.14
CA GLY B 24 -31.13 -5.52 -25.15
CA ALA B 25 -31.72 -2.89 -27.93
CA TRP B 26 -35.29 -2.25 -26.58
CA LYS B 27 -34.54 -2.68 -22.82
CA HIS B 28 -33.75 0.98 -22.03
CA ALA B 29 -36.85 2.63 -23.49
CA GLN B 30 -39.19 -0.01 -22.02
CA ARG B 31 -38.19 0.58 -18.41
CA ILE B 32 -38.40 4.39 -18.25
CA GLU B 33 -41.94 3.86 -19.58
CA THR B 34 -42.71 1.36 -16.77
CA TRP B 35 -41.50 3.94 -14.29
CA ILE B 36 -42.98 7.29 -15.74
CA LEU B 37 -46.37 5.50 -16.10
CA ARG B 38 -46.68 3.80 -12.75
CA HIS B 39 -45.37 6.71 -10.88
CA PRO B 40 -47.27 9.47 -12.70
CA GLY B 41 -46.72 12.32 -10.27
CA PHE B 42 -43.11 12.81 -11.11
CA THR B 43 -44.21 14.00 -14.72
CA ILE B 44 -46.35 16.73 -13.15
CA MET B 45 -43.66 18.09 -10.79
CA ALA B 46 -40.97 17.73 -13.57
CA ALA B 47 -42.93 19.64 -16.40
CA ILE B 48 -43.81 22.41 -13.94
CA LEU B 49 -40.21 23.13 -12.94
CA ALA B 50 -39.42 22.73 -16.68
CA TYR B 51 -42.26 25.22 -17.75
CA THR B 52 -40.94 28.20 -15.73
CA ILE B 53 -37.11 28.11 -16.28
CA GLY B 54 -35.22 28.81 -19.48
CA THR B 55 -37.82 28.58 -22.22
CA THR B 56 -36.75 28.69 -25.85
CA TYR B 57 -39.52 26.00 -26.47
CA PHE B 58 -37.07 23.14 -26.84
CA GLN B 59 -35.55 24.26 -23.49
CA ARG B 60 -38.59 23.23 -21.51
CA VAL B 61 -38.85 19.76 -23.30
CA LEU B 62 -35.08 19.02 -23.03
CA ILE B 63 -34.65 19.42 -19.32
CA PHE B 64 -38.03 17.68 -18.75
CA ILE B 65 -36.99 14.51 -20.71
CA LEU B 66 -33.48 14.61 -19.16
CA LEU B 67 -34.58 14.99 -15.49
CA THR B 68 -37.42 12.26 -15.61
CA ALA B 69 -35.12 9.76 -17.06
CA VAL B 70 -32.31 10.53 -14.54
CA THR B 71 -34.49 9.41 -11.60
CA PRO B 72 -34.09 5.57 -11.91
CA MET C 1 0.44 24.15 60.18
CA ARG C 2 1.68 22.53 56.86
CA CYS C 3 -0.67 24.70 55.05
CA ILE C 4 1.15 27.88 55.51
CA GLY C 5 3.90 28.85 53.10
CA ILE C 6 3.16 25.98 50.63
CA SER C 7 2.38 28.44 47.82
CA ASN C 8 -0.94 28.99 46.18
CA ARG C 9 -3.25 29.28 49.20
CA ASP C 10 -6.65 30.76 49.19
CA PHE C 11 -8.10 32.82 52.18
CA VAL C 12 -11.79 32.38 52.88
CA GLU C 13 -13.65 34.13 55.62
CA GLY C 14 -17.24 34.82 56.76
CA VAL C 15 -20.30 32.97 57.94
CA SER C 16 -22.03 34.13 54.66
CA GLY C 17 -23.57 31.87 52.15
CA GLY C 18 -26.20 30.55 54.56
CA SER C 19 -23.92 28.63 56.90
CA TRP C 20 -21.60 27.04 54.35
CA VAL C 21 -18.96 27.92 51.86
CA ASP C 22 -18.15 26.55 48.38
CA ILE C 23 -14.40 25.71 48.21
CA VAL C 24 -12.41 23.82 45.59
CA LEU C 25 -9.24 21.85 46.18
CA GLU C 26 -7.05 21.37 43.25
CA HIS C 27 -4.48 19.51 45.40
CA GLY C 28 -1.67 22.05 44.96
CA SER C 29 -3.88 24.83 46.00
CA CYS C 30 -4.99 24.55 49.68
CA VAL C 31 -7.88 26.39 51.35
CA THR C 32 -7.28 28.21 54.55
CA THR C 33 -10.75 29.01 56.00
CA MET C 34 -12.26 30.20 59.20
CA ALA C 35 -15.42 32.03 60.30
CA LYS C 36 -16.55 33.95 63.32
CA ASN C 37 -17.52 31.63 66.22
CA LYS C 38 -16.02 28.61 64.43
CA PRO C 39 -12.40 27.38 64.31
CA THR C 40 -9.83 27.92 61.56
CA LEU C 41 -9.57 24.89 59.37
CA ASP C 42 -7.06 23.97 56.56
CA PHE C 43 -8.55 21.75 53.87
CA GLU C 44 -6.23 20.07 51.37
CA LEU C 45 -6.51 17.30 48.67
CA ILE C 46 -3.57 14.80 48.27
CA LYS C 47 -4.30 11.60 46.19
CA THR C 48 -7.31 10.31 44.35
CA GLU C 49 -7.04 6.50 44.12
CA ALA C 50 -8.84 5.08 41.01
CA LYS C 51 -10.05 1.51 41.80
CA HIS C 52 -10.33 -1.02 38.95
CA PRO C 53 -9.89 0.71 35.50
CA ALA C 54 -9.59 -1.17 32.23
CA THR C 55 -7.84 -0.90 28.87
CA LEU C 56 -8.98 1.11 25.94
CA ARG C 57 -6.58 0.66 23.11
CA LYS C 58 -2.92 -0.42 23.18
CA TYR C 59 -0.66 1.59 20.94
CA CYS C 60 2.90 0.28 20.39
CA VAL C 61 5.85 2.39 19.97
CA GLU C 62 8.52 -0.10 19.07
CA ALA C 63 7.43 -1.87 15.90
CA LYS C 64 9.95 -4.25 14.21
CA LEU C 65 9.19 -6.21 10.92
CA THR C 66 10.02 -9.81 10.00
CA ASN C 67 9.72 -12.53 7.35
CA THR C 68 9.71 -9.69 4.61
CA THR C 69 8.28 -11.64 1.69
CA THR C 70 7.85 -9.85 -1.73
CA ALA C 71 6.24 -11.12 -4.93
CA SER C 72 5.68 -9.71 -8.27
CA ARG C 73 3.36 -10.12 -11.20
CA CYS C 74 4.12 -9.95 -14.90
CA PRO C 75 2.91 -6.82 -17.01
CA THR C 76 -0.58 -5.46 -16.36
CA GLN C 77 -2.55 -8.43 -14.92
CA GLY C 78 -4.27 -6.43 -12.12
CA GLU C 79 -2.66 -5.83 -8.76
CA PRO C 80 -0.68 -8.93 -7.62
CA SER C 81 -1.58 -11.21 -4.72
CA LEU C 82 0.35 -13.37 -2.28
CA ASN C 83 -1.06 -15.54 0.50
CA GLU C 84 0.21 -13.42 3.46
CA GLU C 85 -1.98 -10.38 2.22
CA GLN C 86 -5.05 -12.06 3.84
CA ASP C 87 -3.80 -11.63 7.46
CA LYS C 88 -3.58 -8.22 8.99
CA ARG C 89 -0.44 -9.26 10.95
CA PHE C 90 1.42 -8.05 7.94
CA VAL C 91 1.83 -4.62 6.29
CA CYS C 92 1.40 -4.62 2.52
CA LYS C 93 2.14 -2.06 -0.18
CA HIS C 94 1.68 -2.25 -3.91
CA SER C 95 4.38 -0.81 -6.11
CA MET C 96 5.68 -0.54 -9.85
CA VAL C 97 8.72 -2.20 -11.44
CA ASP C 98 10.79 -2.51 -14.67
CA ARG C 99 11.08 -5.70 -16.44
CA GLY C 100 12.99 -6.80 -19.51
CA TRP C 101 15.20 -9.88 -20.22
CA GLY C 102 18.39 -8.66 -18.36
CA ASN C 103 16.63 -9.31 -15.21
CA GLY C 104 14.20 -11.90 -16.25
CA CYS C 105 10.54 -11.75 -17.52
CA GLY C 106 9.51 -13.36 -20.83
CA LEU C 107 6.78 -10.81 -21.09
CA PHE C 108 9.05 -7.66 -20.87
CA GLY C 109 7.42 -4.23 -20.20
CA LYS C 110 6.87 -3.34 -16.60
CA GLY C 111 4.93 -5.45 -13.97
CA GLY C 112 3.42 -5.03 -10.46
CA ILE C 113 5.10 -5.97 -7.14
CA VAL C 114 3.88 -6.34 -3.59
CA THR C 115 5.49 -6.84 -0.25
CA CYS C 116 3.91 -8.66 2.58
CA ALA C 117 6.07 -8.04 5.57
CA MET C 118 5.03 -9.33 9.10
CA PHE C 119 4.53 -6.87 11.97
CA THR C 120 5.48 -7.52 15.51
CA CYS C 121 6.01 -5.11 18.20
CA LYS C 122 7.55 -4.43 21.67
CA LYS C 123 6.19 -2.01 24.40
CA ASN C 124 2.52 -1.33 24.33
CA MET C 125 1.17 1.87 25.99
CA GLU C 126 -1.72 0.04 27.54
CA GLY C 127 -3.85 3.29 28.03
CA LYS C 128 -7.25 2.84 29.75
CA VAL C 129 -10.49 4.49 30.15
CA VAL C 130 -11.08 6.36 33.38
CA GLN C 131 -14.87 5.75 33.59
CA PRO C 132 -16.97 7.39 36.57
CA GLU C 133 -16.11 4.54 38.92
CA ASN C 134 -14.67 5.00 42.40
CA LEU C 135 -12.22 8.03 42.53
CA GLU C 136 -12.09 7.85 46.37
CA TYR C 137 -10.30 11.11 47.43
CA THR C 138 -8.00 11.29 50.43
CA ILE C 139 -8.78 14.59 51.99
CA VAL C 140 -6.81 15.55 54.98
CA ILE C 141 -8.13 18.46 57.00
CA THR C 142 -6.10 19.94 59.76
CA PRO C 143 -6.23 22.77 62.38
CA HIS C 144 -4.28 25.98 62.28
CA SER C 145 -4.16 26.46 66.14
CA GLY C 146 -1.25 24.07 66.25
CA GLU C 147 -0.23 20.68 65.60
CA GLU C 148 -1.20 18.10 68.19
CA ASN C 149 -2.58 15.22 66.30
CA ALA C 150 0.62 14.87 66.07
CA VAL C 151 3.36 14.33 63.62
CA GLY C 152 6.28 12.13 64.60
CA ASN C 153 3.78 9.55 65.88
CA ASP C 154 2.90 6.53 63.86
CA THR C 155 -0.66 6.82 64.87
CA GLY C 156 -0.72 10.57 64.10
CA LYS C 157 -1.53 11.50 60.51
CA HIS C 158 -1.66 15.24 61.05
CA GLY C 159 -5.41 15.64 61.22
CA LYS C 160 -6.33 12.13 60.18
CA GLU C 161 -6.99 10.72 56.78
CA ILE C 162 -10.59 11.23 55.73
CA LYS C 163 -11.30 8.88 52.79
CA VAL C 164 -14.00 10.62 50.87
CA THR C 165 -15.77 8.54 48.30
CA PRO C 166 -17.67 10.11 45.29
CA GLN C 167 -20.27 7.46 46.24
CA SER C 168 -21.35 9.46 49.32
CA SER C 169 -22.02 13.14 50.24
CA ILE C 170 -22.82 14.77 53.58
CA THR C 171 -19.99 12.59 55.14
CA GLU C 172 -18.49 13.15 58.58
CA ALA C 173 -14.73 13.96 59.18
CA GLU C 174 -13.19 13.22 62.51
CA LEU C 175 -11.85 16.44 63.99
CA THR C 176 -12.56 15.78 67.75
CA GLY C 177 -11.84 18.48 70.25
CA TYR C 178 -13.10 20.91 67.58
CA GLY C 179 -16.15 19.01 66.54
CA THR C 180 -17.01 17.25 63.30
CA VAL C 181 -17.46 18.98 59.97
CA THR C 182 -19.90 17.83 57.21
CA MET C 183 -18.74 17.93 53.59
CA GLU C 184 -20.80 17.59 50.44
CA CYS C 185 -18.57 16.53 47.57
CA SER C 186 -19.71 17.03 43.79
CA PRO C 187 -17.68 14.56 41.56
CA ARG C 188 -19.56 15.84 38.43
CA THR C 189 -17.91 19.27 38.59
CA GLY C 190 -14.38 17.75 38.70
CA LEU C 191 -12.40 15.48 36.30
CA ASP C 192 -14.58 14.81 33.21
CA PHE C 193 -15.46 11.11 32.88
CA ASN C 194 -15.18 9.39 29.55
CA GLU C 195 -13.67 12.64 28.30
CA MET C 196 -10.38 11.76 29.77
CA VAL C 197 -8.09 8.89 28.94
CA LEU C 198 -5.68 7.72 31.57
CA LEU C 199 -2.62 6.68 29.53
CA GLN C 200 0.40 4.56 30.41
CA MET C 201 3.71 3.66 28.75
CA GLU C 202 6.17 1.60 30.76
CA ASN C 203 6.51 3.28 34.25
CA LYS C 204 5.50 6.65 32.90
CA ALA C 205 1.88 7.86 32.35
CA TRP C 206 -0.36 10.90 31.63
CA LEU C 207 -4.01 11.83 31.74
CA VAL C 208 -4.57 12.87 28.05
CA HIS C 209 -7.83 14.10 26.44
CA ARG C 210 -10.09 11.69 24.48
CA GLN C 211 -10.63 12.83 20.94
CA TRP C 212 -6.99 14.05 20.73
CA PHE C 213 -5.79 10.55 21.76
CA LEU C 214 -8.16 8.98 19.24
CA ASP C 215 -6.84 11.12 16.37
CA LEU C 216 -3.09 10.57 16.82
CA PRO C 217 -1.06 8.64 14.33
CA LEU C 218 1.00 5.62 15.63
CA PRO C 219 -0.42 2.01 15.46
CA TRP C 220 -3.29 1.09 17.72
CA LEU C 221 -4.64 -2.20 18.65
CA PRO C 222 -8.30 -2.45 19.56
CA GLY C 223 -7.14 -3.20 23.14
CA ALA C 224 -8.99 -6.60 23.42
CA ASP C 225 -5.50 -8.07 23.26
CA THR C 226 -5.99 -11.85 23.31
CA GLN C 227 -2.12 -11.96 22.95
CA GLY C 228 -1.92 -8.89 20.59
CA SER C 229 -0.92 -8.93 16.98
CA ASN C 230 -4.11 -7.82 15.31
CA TRP C 231 -2.97 -4.19 14.94
CA ILE C 232 -4.48 -1.83 12.34
CA GLN C 233 -3.51 1.59 10.96
CA LYS C 234 0.07 0.27 10.93
CA GLU C 235 0.89 2.41 7.95
CA THR C 236 1.98 5.26 10.33
CA LEU C 237 5.23 3.32 10.74
CA VAL C 238 7.07 1.40 8.10
CA THR C 239 8.05 2.61 4.60
CA PHE C 240 8.62 0.56 1.53
CA LYS C 241 11.91 1.59 0.04
CA ASN C 242 11.87 1.56 -3.78
CA PRO C 243 15.23 3.22 -4.57
CA HIS C 244 14.16 4.18 -8.14
CA ALA C 245 12.33 1.56 -10.19
CA LYS C 246 13.34 -1.92 -9.07
CA LYS C 247 13.90 -3.63 -5.74
CA GLN C 248 11.72 -3.44 -2.61
CA ASP C 249 12.82 -3.93 1.02
CA VAL C 250 11.07 -2.49 4.05
CA VAL C 251 12.40 0.00 6.69
CA VAL C 252 10.68 -0.03 10.17
CA LEU C 253 10.69 3.77 10.37
CA GLY C 254 12.33 3.68 13.84
CA SER C 255 10.78 3.67 17.37
CA GLN C 256 8.66 6.74 17.83
CA GLU C 257 9.11 7.29 21.62
CA GLY C 258 9.93 11.05 22.09
CA ALA C 259 7.65 12.29 19.10
CA MET C 260 4.69 10.76 20.86
CA HIS C 261 5.81 12.26 24.26
CA THR C 262 6.44 15.90 23.36
CA ALA C 263 3.11 16.10 21.38
CA LEU C 264 1.18 16.43 24.64
CA THR C 265 2.43 19.48 26.64
CA GLY C 266 -1.07 20.29 27.91
CA ALA C 267 -2.44 17.77 30.31
CA THR C 268 -1.17 16.38 33.61
CA GLU C 269 1.23 13.45 33.91
CA ILE C 270 0.47 10.76 36.40
CA GLN C 271 2.12 7.84 38.36
CA MET C 272 0.67 4.50 37.55
CA SER C 273 1.88 1.80 39.88
CA SER C 274 -1.17 1.26 42.27
CA GLY C 275 -4.21 2.10 40.19
CA ASN C 276 -2.80 5.60 40.16
CA LEU C 277 -2.15 7.96 43.04
CA LEU C 278 -3.57 10.87 40.91
CA PHE C 279 -2.65 14.52 41.61
CA THR C 280 -4.40 17.49 40.15
CA GLY C 281 -8.18 17.89 40.27
CA HIS C 282 -10.72 20.58 40.92
CA LEU C 283 -13.12 18.90 43.17
CA LYS C 284 -15.65 21.41 44.46
CA CYS C 285 -17.25 20.87 47.81
CA ARG C 286 -19.63 22.66 50.15
CA LEU C 287 -18.46 22.64 53.64
CA ARG C 288 -21.02 23.05 56.34
CA MET C 289 -19.45 24.10 59.50
CA ASP C 290 -22.28 23.48 61.95
CA LYS C 291 -21.36 21.51 65.06
CA LEU C 292 -17.85 23.02 65.28
CA GLN C 293 -16.27 24.27 68.47
CA LEU C 294 -13.37 26.59 68.37
CA LYS C 295 -12.03 24.87 71.57
CA GLY C 296 -12.39 28.15 73.48
CA MET C 297 -15.22 26.89 75.64
CA SER C 298 -14.59 25.89 79.38
CA TYR C 299 -11.58 28.19 79.19
CA SER C 300 -10.67 31.50 80.69
CA MET C 301 -7.51 33.39 79.59
CA CYS C 302 -4.36 32.44 81.70
CA THR C 303 -2.18 34.53 84.13
CA GLY C 304 0.21 35.45 81.33
CA LYS C 305 3.91 34.61 80.57
CA PHE C 306 4.89 33.32 77.21
CA LYS C 307 8.60 33.09 76.33
CA VAL C 308 9.59 33.68 72.74
CA VAL C 309 10.95 30.98 70.54
CA LYS C 310 12.33 31.86 67.07
CA GLU C 311 12.41 35.29 65.44
CA ILE C 312 9.44 36.05 63.29
CA ALA C 313 9.44 36.11 59.46
CA GLU C 314 7.04 37.99 57.12
CA THR C 315 5.87 34.84 55.25
CA GLN C 316 3.62 34.48 52.13
CA HIS C 317 0.42 36.57 52.54
CA GLY C 318 2.10 38.73 55.21
CA THR C 319 0.92 35.95 57.58
CA ILE C 320 3.31 35.94 60.54
CA VAL C 321 3.84 32.85 62.74
CA ILE C 322 5.38 32.88 66.15
CA ARG C 323 6.22 30.02 68.66
CA VAL C 324 5.44 30.70 72.19
CA GLN C 325 6.83 28.80 75.12
CA TYR C 326 4.05 29.08 77.81
CA GLU C 327 4.81 29.20 81.56
CA GLY C 328 2.48 31.11 83.81
CA ASP C 329 0.77 29.12 86.30
CA GLY C 330 -0.65 25.62 85.59
CA SER C 331 -4.00 24.83 83.72
CA PRO C 332 -4.35 25.40 79.99
CA CYS C 333 -6.51 28.32 79.05
CA LYS C 334 -6.52 30.76 76.14
CA ILE C 335 -3.60 32.98 75.11
CA PRO C 336 -4.15 36.77 75.44
CA PHE C 337 -2.75 37.67 72.16
CA GLU C 338 -3.25 40.88 70.39
CA ILE C 339 -1.71 43.02 67.67
CA MET C 340 -1.97 46.88 67.13
CA ASP C 341 0.21 49.69 65.82
CA LEU C 342 3.30 50.61 68.03
CA GLU C 343 2.39 50.58 71.76
CA LYS C 344 -0.93 52.59 71.82
CA ARG C 345 -4.20 50.78 71.48
CA HIS C 346 -5.46 50.50 67.90
CA VAL C 347 -6.24 47.00 66.87
CA LEU C 348 -6.69 46.60 63.13
CA GLY C 349 -5.04 43.26 62.45
CA ARG C 350 -6.81 40.15 61.29
CA LEU C 351 -6.75 36.94 63.20
CA ILE C 352 -6.52 33.56 61.42
CA THR C 353 -6.29 31.80 64.73
CA VAL C 354 -9.49 33.13 66.24
CA ASN C 355 -8.97 30.74 69.13
CA PRO C 356 -5.34 30.68 70.17
CA ILE C 357 -5.29 27.91 72.82
CA VAL C 358 -2.81 26.14 75.05
CA THR C 359 -3.00 22.35 75.59
CA GLU C 360 0.22 21.63 77.55
CA LYS C 361 1.80 23.30 80.60
CA ASP C 362 5.27 24.05 79.01
CA SER C 363 5.28 23.44 75.25
CA PRO C 364 6.60 25.53 72.39
CA VAL C 365 3.20 25.71 70.76
CA ASN C 366 2.53 28.29 68.02
CA ILE C 367 -0.34 30.45 66.68
CA GLU C 368 -1.02 32.43 63.49
CA ALA C 369 -1.82 36.05 62.87
CA GLU C 370 -1.78 38.52 59.84
CA PRO C 371 -0.70 42.11 60.70
CA PRO C 372 -1.08 44.80 57.99
CA PHE C 373 1.48 47.43 56.90
CA GLY C 374 3.82 49.52 59.07
CA ASP C 375 4.75 49.07 62.75
CA SER C 376 3.15 46.20 64.66
CA TYR C 377 3.25 45.82 68.42
CA ILE C 378 2.94 42.22 69.41
CA ILE C 379 1.88 41.33 72.99
CA ILE C 380 1.22 38.11 74.87
CA GLY C 381 0.34 38.01 78.62
CA VAL C 382 -1.45 40.89 80.32
CA GLU C 383 -0.45 44.58 80.14
CA PRO C 384 1.69 44.62 83.43
CA GLY C 385 4.83 42.90 82.68
CA GLN C 386 5.29 40.01 80.14
CA LEU C 387 7.05 39.91 76.75
CA LYS C 388 5.98 42.39 74.03
CA LEU C 389 7.54 43.20 70.50
CA SER C 390 7.55 46.27 68.28
CA TRP C 391 7.79 44.93 64.78
CA PHE C 392 7.75 46.17 61.28
CA LYS C 393 5.94 45.13 58.02
CA LYS C 394 6.51 46.52 54.57
CA GLY C 395 3.39 46.97 52.61
CA SER C 396 -0.18 45.67 52.90
CA SER C 397 -1.90 49.00 52.66
CA ILE C 398 -2.72 47.92 49.07
CA GLY C 399 0.21 45.38 48.88
CA GLN C 400 -2.09 42.50 49.80
CA MET C 401 -4.81 44.02 47.70
CA PHE C 402 -2.77 43.55 44.51
CA GLU C 403 -1.61 40.11 45.67
CA THR C 404 -5.25 38.96 45.83
CA THR C 405 -6.04 40.78 42.60
CA MET C 406 -3.42 38.87 40.70
CA ARG C 407 -4.70 35.59 42.36
CA GLY C 408 -8.30 36.44 41.36
CA ALA C 409 -7.40 37.20 37.78
CA LYS C 410 -5.41 34.01 37.49
CA ARG C 411 -8.32 31.88 38.91
CA MET C 412 -10.75 32.86 36.07
CA ALA C 413 -8.29 31.86 33.50
CA ILE C 414 -7.36 28.40 34.85
CA LEU C 415 -10.67 26.88 36.21
CA GLY C 416 -13.58 28.35 34.27
CA ASP C 417 -17.00 29.44 35.65
CA THR C 418 -16.03 27.08 38.46
CA ALA C 419 -13.62 29.79 39.61
CA TRP C 420 -16.68 31.65 41.08
CA ASP C 421 -16.98 28.64 43.43
CA PHE C 422 -14.54 30.01 46.20
CA GLY C 423 -17.04 32.82 47.19
CA SER C 424 -20.37 31.54 48.60
CA LEU C 425 -21.81 35.01 49.61
CA GLY C 426 -25.04 36.08 48.12
CA GLY C 427 -26.03 39.44 46.80
CA VAL C 428 -27.49 38.44 43.54
CA PHE C 429 -24.46 39.29 41.49
CA THR C 430 -22.12 36.75 42.99
CA SER C 431 -24.48 33.84 43.51
CA ILE C 432 -25.81 33.89 39.90
CA GLY C 433 -22.76 35.61 38.64
CA LYS C 434 -21.22 32.26 38.29
CA ALA C 435 -23.79 31.62 35.60
CA LEU C 436 -23.01 34.83 33.68
CA HIS C 437 -19.49 33.34 33.16
CA GLN C 438 -20.91 29.85 32.58
CA VAL C 439 -22.64 30.93 29.29
CA PHE C 440 -19.40 32.97 28.42
CA GLY C 441 -17.15 29.99 28.47
CA ALA C 442 -19.58 28.12 26.16
CA ILE C 443 -18.92 30.91 23.56
CA TYR C 444 -15.19 31.53 23.88
CA GLY C 445 -13.24 28.94 25.80
CA ALA C 446 -15.39 26.39 23.92
CA ALA C 447 -15.42 28.39 20.63
CA PHE C 448 -11.69 28.21 19.83
CA SER C 449 -10.49 24.98 21.42
CA GLY C 450 -6.85 24.01 21.11
CA VAL C 451 -5.29 27.46 21.84
CA SER C 452 -1.61 28.06 22.55
CA TRP C 453 0.68 31.21 22.67
CA THR C 454 1.16 31.79 18.95
CA MET C 455 -2.24 31.63 17.32
CA LYS C 456 -4.15 33.18 20.19
CA ILE C 457 -1.85 36.17 20.65
CA LEU C 458 -1.75 36.90 16.87
CA ILE C 459 -5.52 37.00 17.13
CA GLY C 460 -4.96 39.39 20.04
CA VAL C 461 -2.82 41.88 18.09
CA VAL C 462 -5.33 41.89 15.32
CA ILE C 463 -8.43 42.40 17.53
CA THR C 464 -6.63 45.18 19.50
CA TRP C 465 -5.52 47.00 16.23
CA ILE C 466 -9.00 46.99 14.66
CA GLY C 467 -10.91 47.67 17.98
CA MET C 468 -9.81 51.31 18.54
CA ASN C 469 -10.83 52.09 14.90
CA SER C 470 -14.20 50.20 15.13
CA ARG C 471 -17.59 51.88 14.63
CA SER C 472 -20.95 51.88 16.56
CA THR C 473 -21.17 51.67 20.40
CA SER C 474 -19.93 48.07 19.82
CA LEU C 475 -16.41 49.45 19.98
CA SER C 476 -16.61 48.06 23.58
CA VAL C 477 -17.23 44.45 22.76
CA SER C 478 -14.25 44.29 20.37
CA LEU C 479 -11.51 45.60 22.68
CA VAL C 480 -12.71 43.63 25.75
CA LEU C 481 -12.10 40.35 23.97
CA VAL C 482 -8.30 40.91 24.37
CA GLY C 483 -8.75 42.86 27.57
CA VAL C 484 -8.39 40.59 30.58
CA VAL C 485 -9.01 37.76 28.01
CA THR C 486 -6.40 36.98 25.24
CA LEU C 487 -3.65 38.82 27.15
CA TYR C 488 -4.19 37.46 30.71
CA LEU C 489 -5.28 34.00 29.47
CA GLY C 490 -2.14 33.51 27.40
CA VAL C 491 0.36 34.07 30.31
CA MET C 492 -1.57 32.30 33.03
CA VAL C 493 -2.58 29.13 31.13
CA GLN C 494 0.00 27.28 28.93
CA ALA C 495 2.36 26.88 31.97
CA SER D 1 4.69 13.97 13.01
CA VAL D 2 2.52 12.89 15.87
CA ALA D 3 3.45 16.26 17.35
CA LEU D 4 1.71 18.86 15.20
CA VAL D 5 -1.33 19.80 17.37
CA PRO D 6 -1.50 21.58 20.84
CA HIS D 7 -3.32 20.04 23.85
CA VAL D 8 -3.65 22.94 26.34
CA GLY D 9 -6.97 24.00 24.85
CA MET D 10 -8.45 20.56 24.84
CA GLY D 11 -9.11 21.10 28.58
CA LEU D 12 -7.34 20.27 31.78
CA GLU D 13 -6.52 23.84 32.59
CA THR D 14 -4.65 23.32 35.93
CA ARG D 15 -2.42 25.74 37.92
CA THR D 16 0.41 23.13 38.01
CA GLU D 17 3.04 22.37 35.41
CA THR D 18 2.06 19.91 32.66
CA TRP D 19 4.24 17.22 30.90
CA MET D 20 6.82 19.71 29.65
CA SER D 21 6.69 23.12 31.26
CA SER D 22 8.59 26.18 29.76
CA GLU D 23 10.63 23.80 27.61
CA GLY D 24 8.42 22.94 24.64
CA ALA D 25 6.15 26.05 25.17
CA TRP D 26 8.99 28.18 23.91
CA LYS D 27 11.20 25.64 21.95
CA HIS D 28 8.65 25.92 18.96
CA ALA D 29 8.97 29.73 18.48
CA GLN D 30 12.79 29.63 19.15
CA ARG D 31 13.32 27.17 16.31
CA ILE D 32 11.22 29.10 13.87
CA GLU D 33 13.39 32.11 14.54
CA THR D 34 16.43 29.89 13.85
CA TRP D 35 14.93 28.91 10.62
CA ILE D 36 14.61 32.54 9.45
CA LEU D 37 18.28 33.24 10.34
CA ARG D 38 19.52 30.23 8.47
CA HIS D 39 17.43 30.77 5.39
CA PRO D 40 17.38 34.61 4.78
CA GLY D 41 15.98 33.91 1.29
CA PHE D 42 12.28 33.15 2.34
CA THR D 43 12.46 36.31 4.37
CA ILE D 44 13.21 38.41 1.32
CA MET D 45 10.36 36.37 -0.31
CA ALA D 46 7.90 37.12 2.51
CA ALA D 47 9.04 40.81 2.39
CA ILE D 48 7.94 40.88 -1.37
CA LEU D 49 4.59 39.26 -0.48
CA ALA D 50 4.16 41.69 2.28
CA TYR D 51 4.86 45.33 1.39
CA THR D 52 2.77 45.25 -1.74
CA ILE D 53 -0.56 43.54 -1.45
CA GLY D 54 -2.91 46.47 -1.26
CA THR D 55 -1.35 47.93 1.91
CA THR D 56 -3.27 49.36 4.86
CA TYR D 57 -0.20 48.65 7.08
CA PHE D 58 -2.46 46.22 8.92
CA GLN D 59 -2.56 44.00 5.76
CA ARG D 60 1.27 44.09 5.63
CA VAL D 61 1.93 43.33 9.32
CA LEU D 62 -0.77 40.57 9.55
CA ILE D 63 0.04 38.57 6.46
CA PHE D 64 3.86 38.87 6.75
CA ILE D 65 3.76 37.38 10.38
CA LEU D 66 1.58 34.59 8.99
CA LEU D 67 3.83 33.79 6.01
CA THR D 68 7.05 33.85 7.98
CA ALA D 69 5.62 31.39 10.55
CA VAL D 70 3.49 28.75 8.69
CA THR D 71 6.21 27.12 6.65
CA PRO D 72 6.70 23.67 8.18
CA MET E 1 24.74 -6.63 -20.54
CA ARG E 2 22.90 -4.44 -18.13
CA CYS E 3 20.73 -2.41 -20.37
CA ILE E 4 18.33 -3.57 -22.86
CA GLY E 5 16.37 -0.63 -21.27
CA ILE E 6 16.03 0.29 -17.69
CA SER E 7 13.73 3.20 -18.49
CA ASN E 8 13.98 6.94 -18.22
CA ARG E 9 16.95 6.67 -20.45
CA ASP E 10 17.29 8.93 -23.49
CA PHE E 11 19.02 8.63 -26.84
CA VAL E 12 21.42 10.96 -28.59
CA GLU E 13 21.67 11.04 -32.43
CA GLY E 14 24.86 12.43 -33.80
CA VAL E 15 27.65 13.69 -31.46
CA SER E 16 28.52 17.04 -32.95
CA GLY E 17 31.57 19.29 -32.50
CA GLY E 18 33.93 16.78 -34.03
CA SER E 19 32.58 13.99 -31.74
CA TRP E 20 32.59 16.34 -28.53
CA VAL E 21 29.28 15.77 -26.72
CA ASP E 22 28.47 17.04 -23.32
CA ILE E 23 26.70 14.44 -21.21
CA VAL E 24 25.12 14.49 -17.86
CA LEU E 25 24.71 10.90 -16.83
CA GLU E 26 22.53 9.74 -14.03
CA HIS E 27 23.16 7.35 -11.23
CA GLY E 28 20.19 5.21 -12.14
CA SER E 29 19.97 5.36 -15.86
CA CYS E 30 22.13 5.21 -19.00
CA VAL E 31 22.90 7.78 -21.59
CA THR E 32 22.40 5.96 -24.85
CA THR E 33 24.40 7.69 -27.62
CA MET E 34 26.01 7.22 -30.98
CA ALA E 35 27.10 9.21 -33.83
CA LYS E 36 26.38 8.04 -37.37
CA ASN E 37 29.36 5.87 -36.57
CA LYS E 38 30.62 4.08 -33.42
CA PRO E 39 28.71 1.44 -31.39
CA THR E 40 25.78 2.43 -29.28
CA LEU E 41 26.83 2.61 -25.67
CA ASP E 42 24.98 2.46 -22.41
CA PHE E 43 26.59 4.77 -19.84
CA GLU E 44 25.28 4.12 -16.32
CA LEU E 45 27.18 5.15 -13.24
CA ILE E 46 26.17 2.70 -10.54
CA LYS E 47 27.53 3.73 -7.16
CA THR E 48 29.71 6.60 -5.91
CA GLU E 49 31.53 4.41 -3.34
CA ALA E 50 34.04 6.40 -1.05
CA LYS E 51 37.28 5.08 0.38
CA HIS E 52 37.89 6.89 3.73
CA PRO E 53 35.32 9.03 5.32
CA ALA E 54 36.02 10.12 8.84
CA THR E 55 33.88 11.02 11.79
CA LEU E 56 33.00 14.62 12.57
CA ARG E 57 29.85 14.57 14.63
CA LYS E 58 27.95 12.16 16.86
CA TYR E 59 24.64 12.31 18.78
CA CYS E 60 22.95 10.39 21.53
CA VAL E 61 19.49 9.28 20.50
CA GLU E 62 18.47 8.10 23.93
CA ALA E 63 20.24 8.27 27.34
CA LYS E 64 19.37 7.25 30.95
CA LEU E 65 19.65 9.68 33.69
CA THR E 66 21.08 8.20 36.88
CA ASN E 67 22.13 9.22 40.35
CA THR E 68 20.17 12.37 40.88
CA THR E 69 21.96 14.69 43.41
CA THR E 70 20.10 17.65 45.12
CA ALA E 71 21.40 20.55 47.03
CA SER E 72 19.42 23.42 48.53
CA ARG E 73 19.74 26.81 50.08
CA CYS E 74 17.45 28.75 52.43
CA PRO E 75 15.27 31.81 51.36
CA THR E 76 17.35 34.83 50.82
CA GLN E 77 20.65 33.23 50.55
CA GLY E 78 20.68 33.07 46.76
CA GLU E 79 21.22 30.22 44.43
CA PRO E 80 22.78 26.86 45.55
CA SER E 81 26.12 25.32 44.82
CA LEU E 82 26.70 21.65 44.17
CA ASN E 83 30.16 20.41 43.05
CA GLU E 84 28.81 19.01 39.70
CA GLU E 85 27.71 22.27 38.02
CA GLN E 86 31.32 22.50 36.57
CA ASP E 87 31.46 19.07 35.13
CA LYS E 88 30.66 18.82 31.41
CA ARG E 89 28.58 15.66 31.47
CA PHE E 90 26.29 16.37 34.46
CA VAL E 91 23.24 18.46 34.05
CA CYS E 92 21.99 20.99 36.43
CA LYS E 93 19.23 23.56 36.89
CA HIS E 94 18.71 26.08 39.68
CA SER E 95 15.04 26.09 40.91
CA MET E 96 13.33 27.55 44.05
CA VAL E 97 10.43 25.79 45.80
CA ASP E 98 8.38 26.56 48.98
CA ARG E 99 10.01 26.74 52.25
CA GLY E 100 8.86 26.86 55.78
CA TRP E 101 8.98 24.56 58.94
CA GLY E 102 6.87 22.04 57.11
CA ASN E 103 9.60 21.61 54.50
CA GLY E 104 11.88 20.78 57.42
CA CYS E 105 14.60 23.18 56.25
CA GLY E 106 12.98 26.49 55.40
CA LEU E 107 12.54 30.01 57.03
CA PHE E 108 9.17 30.65 55.36
CA GLY E 109 9.71 32.02 51.93
CA LYS E 110 10.84 30.35 48.74
CA GLY E 111 14.39 29.35 48.10
CA GLY E 112 17.15 27.15 46.65
CA ILE E 113 16.87 23.66 45.31
CA VAL E 114 19.15 22.58 42.46
CA THR E 115 19.56 19.04 41.07
CA CYS E 116 21.97 17.18 38.69
CA ALA E 117 22.22 13.88 36.86
CA MET E 118 24.61 11.52 35.15
CA PHE E 119 23.98 11.75 31.35
CA THR E 120 24.90 8.16 30.70
CA CYS E 121 24.40 6.98 27.09
CA LYS E 122 22.29 4.17 25.59
CA LYS E 123 21.32 4.75 21.98
CA ASN E 124 24.16 6.22 20.00
CA MET E 125 24.61 7.82 16.54
CA GLU E 126 27.31 8.76 14.01
CA GLY E 127 27.79 11.51 11.43
CA LYS E 128 30.80 11.06 9.08
CA VAL E 129 31.97 13.09 6.13
CA VAL E 130 33.86 12.77 2.81
CA GLN E 131 36.24 14.80 0.83
CA PRO E 132 36.52 14.92 -2.97
CA GLU E 133 39.65 12.70 -3.25
CA ASN E 134 37.96 9.63 -1.45
CA LEU E 135 34.79 9.43 -3.58
CA GLU E 136 35.37 7.05 -6.36
CA TYR E 137 32.76 7.22 -9.22
CA THR E 138 32.64 4.11 -11.42
CA ILE E 139 30.86 3.66 -14.59
CA VAL E 140 29.41 0.46 -16.20
CA ILE E 141 29.69 0.78 -19.87
CA THR E 142 28.37 -1.91 -22.26
CA PRO E 143 27.55 -1.97 -25.89
CA HIS E 144 24.12 -3.32 -27.05
CA SER E 145 24.95 -6.59 -28.89
CA GLY E 146 25.28 -9.40 -26.44
CA GLU E 147 27.43 -11.11 -23.90
CA GLU E 148 28.68 -14.63 -24.69
CA ASN E 149 31.64 -15.31 -22.47
CA ALA E 150 29.16 -15.50 -20.52
CA VAL E 151 27.23 -14.79 -17.39
CA GLY E 152 27.11 -16.70 -14.10
CA ASN E 153 30.69 -15.61 -13.12
CA ASP E 154 32.40 -12.29 -12.32
CA THR E 155 32.02 -11.58 -16.05
CA GLY E 156 28.33 -10.79 -16.77
CA LYS E 157 28.83 -7.16 -17.95
CA HIS E 158 31.32 -6.61 -20.73
CA GLY E 159 32.76 -3.43 -22.01
CA LYS E 160 34.20 -2.70 -18.62
CA GLU E 161 34.26 -0.33 -15.82
CA ILE E 162 36.69 2.55 -15.58
CA LYS E 163 37.06 3.91 -12.07
CA VAL E 164 37.79 7.56 -11.56
CA THR E 165 37.85 10.35 -9.10
CA PRO E 166 39.35 14.00 -9.62
CA GLN E 167 42.84 12.67 -9.29
CA SER E 168 42.55 10.24 -12.21
CA SER E 169 39.64 11.93 -14.14
CA ILE E 170 39.83 12.19 -17.95
CA THR E 171 40.66 8.63 -18.87
CA GLU E 172 39.99 6.19 -21.61
CA ALA E 173 38.44 2.65 -21.43
CA GLU E 174 39.72 -0.34 -23.37
CA LEU E 175 36.33 -1.78 -24.70
CA THR E 176 37.71 -5.08 -26.21
CA GLY E 177 38.11 -4.87 -29.86
CA TYR E 178 35.43 -2.27 -30.36
CA GLY E 179 37.92 0.46 -29.58
CA THR E 180 38.96 3.01 -26.90
CA VAL E 181 36.17 5.29 -25.55
CA THR E 182 37.56 8.54 -24.10
CA MET E 183 35.69 10.17 -21.27
CA GLU E 184 36.56 13.61 -19.92
CA CYS E 185 35.10 13.04 -16.41
CA SER E 186 35.01 15.79 -13.72
CA PRO E 187 33.34 14.84 -10.32
CA ARG E 188 33.74 18.38 -8.86
CA THR E 189 29.98 19.37 -8.40
CA GLY E 190 28.16 15.91 -8.69
CA LEU E 191 26.13 16.47 -5.45
CA ASP E 192 28.49 19.18 -3.84
CA PHE E 193 30.53 17.66 -1.19
CA ASN E 194 32.05 19.83 1.61
CA GLU E 195 28.25 20.64 1.98
CA MET E 196 27.01 17.03 2.07
CA VAL E 197 27.15 15.08 5.40
CA LEU E 198 26.89 11.34 5.47
CA LEU E 199 24.70 10.83 8.68
CA GLN E 200 25.21 7.35 9.88
CA MET E 201 22.47 5.67 11.98
CA GLU E 202 22.39 1.96 13.05
CA ASN E 203 20.99 0.30 9.97
CA LYS E 204 19.80 3.50 8.23
CA ALA E 205 21.85 6.58 7.03
CA TRP E 206 21.10 9.77 4.93
CA LEU E 207 23.26 12.26 2.92
CA VAL E 208 21.82 15.27 4.67
CA HIS E 209 22.75 18.86 4.31
CA ARG E 210 25.26 20.37 6.74
CA GLN E 211 22.99 23.47 7.20
CA TRP E 212 20.32 21.43 9.14
CA PHE E 213 22.68 18.72 10.45
CA LEU E 214 24.54 21.36 12.42
CA ASP E 215 21.25 22.94 13.70
CA LEU E 216 20.08 19.54 15.20
CA PRO E 217 18.56 19.90 18.56
CA LEU E 218 19.94 16.60 20.09
CA PRO E 219 22.68 15.55 22.52
CA TRP E 220 25.74 16.98 20.75
CA LEU E 221 29.24 15.28 20.83
CA PRO E 222 32.26 16.80 18.95
CA GLY E 223 32.94 13.46 17.04
CA ALA E 224 36.59 13.47 18.13
CA ASP E 225 36.08 12.79 21.81
CA THR E 226 34.33 9.43 21.88
CA GLN E 227 35.65 8.57 25.26
CA GLY E 228 34.91 10.40 28.53
CA SER E 229 31.22 10.40 27.95
CA ASN E 230 31.16 14.08 27.53
CA TRP E 231 28.07 15.41 25.79
CA ILE E 232 27.81 19.08 25.26
CA GLN E 233 24.12 19.38 24.66
CA LYS E 234 22.03 17.48 26.97
CA GLU E 235 19.21 20.12 27.61
CA THR E 236 17.03 18.56 24.99
CA LEU E 237 16.47 15.03 26.40
CA VAL E 238 16.03 16.05 30.03
CA THR E 239 12.63 17.37 31.21
CA PHE E 240 12.53 18.82 34.72
CA LYS E 241 9.11 18.18 36.21
CA ASN E 242 8.13 19.61 39.69
CA PRO E 243 4.58 18.31 40.69
CA HIS E 244 2.60 20.46 43.28
CA ALA E 245 4.69 22.97 45.31
CA LYS E 246 7.82 20.95 46.13
CA LYS E 247 10.15 18.30 44.64
CA GLN E 248 11.67 18.26 41.06
CA ASP E 249 13.33 15.47 39.01
CA VAL E 250 14.76 14.39 35.75
CA VAL E 251 12.92 12.53 33.15
CA VAL E 252 14.01 11.00 29.80
CA LEU E 253 12.02 12.44 26.90
CA GLY E 254 11.90 9.23 24.89
CA SER E 255 13.99 8.00 21.92
CA GLN E 256 14.14 10.36 18.98
CA GLU E 257 14.99 7.62 16.46
CA GLY E 258 11.45 7.60 14.98
CA ALA E 259 10.82 11.39 14.91
CA MET E 260 14.11 12.29 13.31
CA HIS E 261 13.84 9.55 10.60
CA THR E 262 10.46 11.09 9.63
CA ALA E 263 12.01 14.57 9.82
CA LEU E 264 13.62 14.00 6.47
CA THR E 265 11.29 12.94 3.62
CA GLY E 266 13.33 14.47 0.78
CA ALA E 267 16.80 13.34 2.02
CA THR E 268 17.26 10.13 0.15
CA GLU E 269 18.65 6.95 1.89
CA ILE E 270 22.21 5.77 1.59
CA GLN E 271 23.49 2.26 1.74
CA MET E 272 26.46 1.51 4.00
CA SER E 273 28.19 -1.77 4.76
CA SER E 274 31.75 -0.50 4.36
CA GLY E 275 32.88 2.50 2.45
CA ASN E 276 29.42 3.72 1.99
CA LEU E 277 27.56 2.62 -1.31
CA LEU E 278 26.25 6.09 -2.37
CA PHE E 279 23.29 6.54 -4.66
CA THR E 280 22.00 9.51 -6.59
CA GLY E 281 24.87 11.62 -8.04
CA HIS E 282 24.94 12.98 -11.60
CA LEU E 283 28.37 13.01 -13.19
CA LYS E 284 28.99 15.66 -15.81
CA CYS E 285 31.39 14.36 -18.40
CA ARG E 286 32.53 15.22 -21.96
CA LEU E 287 32.66 12.38 -24.41
CA ARG E 288 35.31 11.90 -27.17
CA MET E 289 34.27 9.05 -29.53
CA ASP E 290 37.22 10.10 -31.75
CA LYS E 291 39.48 7.34 -30.73
CA LEU E 292 36.77 4.71 -30.76
CA GLN E 293 35.86 2.34 -33.68
CA LEU E 294 32.51 0.91 -34.68
CA LYS E 295 33.84 -2.88 -35.16
CA GLY E 296 32.35 -5.57 -37.36
CA MET E 297 32.50 -3.99 -40.80
CA SER E 298 34.99 -6.63 -42.04
CA TYR E 299 32.22 -9.04 -43.07
CA SER E 300 29.71 -9.11 -45.97
CA MET E 301 25.91 -9.17 -45.87
CA CYS E 302 23.85 -12.28 -44.95
CA THR E 303 22.60 -14.61 -47.66
CA GLY E 304 19.30 -15.11 -45.70
CA LYS E 305 17.22 -17.29 -43.31
CA PHE E 306 15.97 -15.35 -40.33
CA LYS E 307 14.06 -17.80 -37.92
CA VAL E 308 12.68 -15.83 -34.92
CA VAL E 309 12.92 -16.84 -31.30
CA LYS E 310 11.01 -13.67 -30.10
CA GLU E 311 8.21 -11.91 -32.14
CA ILE E 312 8.93 -8.14 -31.58
CA ALA E 313 8.64 -7.26 -27.90
CA GLU E 314 8.87 -3.86 -26.26
CA THR E 315 10.85 -3.02 -23.08
CA GLN E 316 10.11 0.54 -22.69
CA HIS E 317 9.41 3.79 -24.39
CA GLY E 318 8.73 2.65 -27.92
CA THR E 319 11.90 0.55 -28.17
CA ILE E 320 11.55 -2.77 -29.86
CA VAL E 321 13.90 -5.71 -29.15
CA ILE E 322 13.68 -8.66 -31.65
CA ARG E 323 15.74 -11.79 -31.59
CA VAL E 324 16.26 -13.58 -34.82
CA GLN E 325 18.64 -16.53 -35.46
CA TYR E 326 20.82 -16.48 -38.47
CA GLU E 327 22.35 -19.33 -40.24
CA GLY E 328 24.05 -18.77 -43.61
CA ASP E 329 26.09 -21.42 -45.41
CA GLY E 330 28.90 -20.53 -42.97
CA SER E 331 30.83 -17.57 -41.50
CA PRO E 332 29.30 -14.82 -39.29
CA CYS E 333 27.94 -11.96 -41.38
CA LYS E 334 26.42 -8.48 -40.74
CA ILE E 335 22.80 -8.58 -40.22
CA PRO E 336 20.61 -6.36 -42.43
CA PHE E 337 18.08 -4.43 -40.37
CA GLU E 338 15.80 -1.88 -41.87
CA ILE E 339 12.47 -0.49 -40.50
CA MET E 340 11.11 0.47 -44.02
CA ASP E 341 7.57 0.90 -45.30
CA LEU E 342 5.17 -1.48 -46.97
CA GLU E 343 5.77 -2.19 -50.73
CA LYS E 344 7.80 0.94 -51.73
CA ARG E 345 10.62 0.85 -49.27
CA HIS E 346 12.16 3.85 -47.38
CA VAL E 347 13.32 3.92 -43.68
CA LEU E 348 11.69 6.37 -41.25
CA GLY E 349 12.71 4.70 -37.93
CA ARG E 350 16.17 5.26 -36.43
CA LEU E 351 18.12 2.06 -35.88
CA ILE E 352 19.46 2.58 -32.30
CA THR E 353 21.90 -0.25 -32.90
CA VAL E 354 23.47 0.24 -36.43
CA ASN E 355 25.64 -2.23 -38.23
CA PRO E 356 25.01 -5.51 -36.23
CA ILE E 357 27.02 -8.63 -36.51
CA VAL E 358 27.46 -12.15 -35.07
CA THR E 359 30.73 -13.65 -33.89
CA GLU E 360 29.87 -17.37 -34.11
CA LYS E 361 26.74 -17.21 -36.39
CA ASP E 362 24.64 -18.96 -33.66
CA SER E 363 24.11 -16.11 -31.19
CA PRO E 364 20.77 -14.12 -31.78
CA VAL E 365 21.18 -10.38 -31.87
CA ASN E 366 19.42 -8.21 -29.33
CA ILE E 367 18.97 -5.53 -32.08
CA GLU E 368 16.90 -2.59 -31.16
CA ALA E 369 15.20 0.35 -32.91
CA GLU E 370 12.50 2.99 -32.29
CA PRO E 371 10.11 2.73 -35.29
CA PRO E 372 7.98 5.76 -36.65
CA PHE E 373 4.55 7.22 -35.64
CA GLY E 374 2.40 5.20 -38.17
CA ASP E 375 2.75 1.42 -38.86
CA SER E 376 5.87 0.28 -40.41
CA TYR E 377 7.22 -3.12 -41.73
CA ILE E 378 10.51 -4.44 -40.39
CA ILE E 379 12.74 -6.75 -42.31
CA ILE E 380 15.96 -8.60 -41.73
CA GLY E 381 15.71 -11.00 -44.81
CA VAL E 382 17.62 -10.83 -48.16
CA GLU E 383 17.24 -13.24 -51.07
CA PRO E 384 13.54 -14.35 -51.21
CA GLY E 385 12.93 -11.64 -48.38
CA GLN E 386 12.61 -14.03 -45.49
CA LEU E 387 11.27 -12.90 -42.19
CA LYS E 388 9.36 -9.70 -42.17
CA LEU E 389 6.44 -8.60 -39.89
CA SER E 390 4.35 -5.48 -39.26
CA TRP E 391 4.40 -3.36 -36.20
CA PHE E 392 2.61 -0.35 -34.92
CA LYS E 393 4.08 1.84 -32.22
CA LYS E 394 1.26 3.16 -29.88
CA GLY E 395 2.72 6.65 -29.62
CA SER E 396 1.95 8.90 -32.49
CA SER E 397 3.44 12.25 -33.42
CA ILE E 398 1.96 14.40 -30.60
CA GLY E 399 3.30 11.73 -28.22
CA GLN E 400 7.00 12.19 -28.97
CA MET E 401 6.57 15.97 -29.06
CA PHE E 402 5.02 15.92 -25.67
CA GLU E 403 7.80 13.50 -24.44
CA THR E 404 10.56 15.93 -25.25
CA THR E 405 8.96 18.68 -23.17
CA MET E 406 7.74 16.30 -20.50
CA ARG E 407 11.31 14.98 -20.17
CA GLY E 408 13.01 18.29 -20.52
CA ALA E 409 10.69 19.16 -17.60
CA LYS E 410 12.32 16.46 -15.38
CA ARG E 411 15.97 16.35 -16.46
CA MET E 412 16.48 19.77 -18.01
CA ALA E 413 14.53 21.07 -14.98
CA ILE E 414 14.37 19.77 -11.31
CA LEU E 415 18.17 20.30 -11.33
CA GLY E 416 20.12 23.46 -11.78
CA ASP E 417 23.29 24.44 -13.64
CA THR E 418 24.48 21.19 -15.24
CA ALA E 419 20.95 20.78 -16.83
CA TRP E 420 22.02 22.49 -20.08
CA ASP E 421 25.12 20.38 -20.56
CA PHE E 422 23.01 17.39 -21.59
CA GLY E 423 23.14 19.08 -25.03
CA SER E 424 25.33 18.23 -27.96
CA LEU E 425 27.60 21.23 -27.51
CA GLY E 426 25.88 23.94 -29.47
CA GLY E 427 27.82 26.77 -28.09
CA VAL E 428 24.68 28.88 -27.96
CA PHE E 429 22.54 26.67 -25.87
CA THR E 430 25.26 24.90 -23.84
CA SER E 431 27.41 27.98 -23.19
CA ILE E 432 25.24 31.08 -22.98
CA GLY E 433 21.97 29.41 -22.39
CA LYS E 434 23.70 27.84 -19.34
CA ALA E 435 24.90 31.36 -18.32
CA LEU E 436 21.49 32.93 -17.62
CA HIS E 437 20.23 29.78 -15.80
CA GLN E 438 22.56 30.21 -12.95
CA VAL E 439 20.85 33.70 -12.41
CA PHE E 440 17.25 32.28 -12.47
CA GLY E 441 18.71 29.27 -10.60
CA ALA E 442 19.78 31.48 -7.74
CA ILE E 443 16.25 32.85 -7.32
CA TYR E 444 14.35 29.59 -6.70
CA GLY E 445 17.52 27.91 -5.15
CA ALA E 446 18.15 30.03 -2.04
CA ALA E 447 14.76 31.10 -0.92
CA PHE E 448 12.60 27.93 -1.28
CA SER E 449 14.70 25.72 1.02
CA GLY E 450 12.39 24.28 3.64
CA VAL E 451 9.45 25.43 1.64
CA SER E 452 6.86 23.09 0.22
CA TRP E 453 3.94 22.89 -2.24
CA THR E 454 1.46 25.42 -1.08
CA MET E 455 3.65 28.52 -0.79
CA LYS E 456 4.98 28.01 -4.37
CA ILE E 457 1.45 27.81 -5.89
CA LEU E 458 0.44 30.89 -4.03
CA ILE E 459 3.03 33.35 -5.40
CA GLY E 460 2.00 32.76 -9.07
CA VAL E 461 -1.65 33.56 -8.60
CA VAL E 462 -1.17 36.97 -6.86
CA ILE E 463 1.64 38.38 -8.96
CA THR E 464 -0.64 38.04 -11.99
CA TRP E 465 -3.44 39.68 -10.13
CA ILE E 466 -1.32 42.86 -10.69
CA GLY E 467 0.38 41.44 -13.74
CA MET E 468 -2.86 41.17 -15.69
CA ASN E 469 -3.63 44.86 -15.06
CA SER E 470 -0.16 45.79 -16.26
CA ARG E 471 0.68 48.39 -13.56
CA SER E 472 4.38 49.19 -12.90
CA THR E 473 5.04 46.93 -15.92
CA SER E 474 4.59 43.86 -13.86
CA LEU E 475 3.04 42.01 -16.96
CA SER E 476 6.67 40.84 -17.77
CA VAL E 477 7.13 38.59 -14.75
CA SER E 478 3.89 36.78 -15.10
CA LEU E 479 4.43 34.30 -17.89
CA VAL E 480 8.05 33.42 -17.17
CA LEU E 481 7.65 33.77 -13.49
CA VAL E 482 4.29 32.15 -13.09
CA GLY E 483 4.32 30.28 -16.47
CA VAL E 484 6.11 26.91 -16.44
CA VAL E 485 8.41 27.76 -13.53
CA THR E 486 6.86 28.59 -10.01
CA LEU E 487 3.55 26.96 -10.55
CA TYR E 488 5.12 23.80 -12.19
CA LEU E 489 7.93 23.55 -9.63
CA GLY E 490 5.27 23.47 -6.89
CA VAL E 491 3.79 20.27 -8.41
CA MET E 492 7.18 18.77 -8.92
CA VAL E 493 8.23 18.92 -5.28
CA GLN E 494 9.54 15.89 -3.41
CA ALA E 495 11.63 14.49 -6.28
CA SER F 1 12.68 19.64 17.61
CA VAL F 2 12.80 16.84 15.08
CA ALA F 3 9.18 16.16 15.81
CA LEU F 4 8.41 19.43 14.14
CA VAL F 5 9.95 17.76 10.99
CA PRO F 6 12.58 20.17 9.57
CA HIS F 7 13.95 18.79 6.28
CA VAL F 8 10.55 18.12 4.91
CA GLY F 9 11.52 20.70 2.29
CA MET F 10 15.05 21.82 1.50
CA GLY F 11 16.97 22.01 -1.68
CA LEU F 12 19.77 19.85 -2.96
CA GLU F 13 17.05 17.90 -4.96
CA THR F 14 17.62 14.31 -6.19
CA ARG F 15 16.35 12.69 -9.33
CA THR F 16 15.64 9.37 -7.67
CA GLU F 17 13.13 8.57 -4.98
CA THR F 18 13.58 9.83 -1.29
CA TRP F 19 12.89 8.62 2.16
CA MET F 20 9.09 8.94 1.76
CA SER F 21 8.32 9.90 -1.84
CA SER F 22 5.38 12.37 -1.19
CA GLU F 23 3.98 9.83 1.33
CA GLY F 24 5.07 12.01 4.36
CA ALA F 25 4.39 15.34 2.57
CA TRP F 26 0.76 14.37 2.23
CA LYS F 27 0.43 12.54 5.70
CA HIS F 28 1.50 15.80 7.07
CA ALA F 29 -1.34 17.99 5.73
CA GLN F 30 -4.01 15.33 6.16
CA ARG F 31 -3.27 15.51 9.85
CA ILE F 32 -3.93 19.27 10.06
CA GLU F 33 -7.13 18.93 7.95
CA THR F 34 -8.66 16.30 10.31
CA TRP F 35 -7.88 18.50 13.30
CA ILE F 36 -9.44 21.54 11.65
CA LEU F 37 -12.80 19.85 11.35
CA ARG F 38 -12.52 17.98 14.80
CA HIS F 39 -12.47 21.38 16.53
CA PRO F 40 -14.91 23.87 14.62
CA GLY F 41 -13.92 26.56 17.19
CA PHE F 42 -10.58 27.55 15.43
CA THR F 43 -12.21 27.24 11.95
CA ILE F 44 -15.22 29.43 13.00
CA MET F 45 -13.16 32.02 14.78
CA ALA F 46 -10.63 32.32 11.88
CA ALA F 47 -13.52 32.65 9.37
CA ILE F 48 -15.16 35.57 11.48
CA LEU F 49 -11.91 37.57 11.76
CA ALA F 50 -11.01 36.90 8.08
CA TYR F 51 -14.44 38.35 6.80
CA THR F 52 -13.68 41.55 8.67
CA ILE F 53 -9.93 42.36 7.94
CA GLY F 54 -9.16 40.79 4.55
CA THR F 55 -11.95 40.96 1.90
CA THR F 56 -9.95 41.97 -1.11
CA TYR F 57 -10.21 38.72 -3.08
CA PHE F 58 -7.03 36.66 -2.59
CA GLN F 59 -6.35 38.76 0.46
CA ARG F 60 -9.23 37.23 2.57
CA VAL F 61 -8.12 33.74 1.35
CA LEU F 62 -4.50 34.28 2.35
CA ILE F 63 -5.18 35.47 5.82
CA PHE F 64 -7.66 32.75 6.41
CA ILE F 65 -5.86 29.64 4.97
CA LEU F 66 -2.58 30.50 6.64
CA LEU F 67 -3.96 31.23 10.11
CA THR F 68 -6.11 28.04 9.96
CA ALA F 69 -3.12 25.82 9.05
CA VAL F 70 -0.52 27.10 11.47
CA THR F 71 -1.21 24.75 14.52
CA PRO F 72 2.11 24.09 16.41
CA GLN G 3 -20.26 -42.05 -34.42
CA LEU G 4 -24.05 -43.11 -34.75
CA VAL G 5 -25.48 -44.80 -31.88
CA GLU G 6 -29.08 -45.78 -31.97
CA SER G 7 -31.35 -46.99 -29.23
CA GLY G 8 -31.67 -50.72 -28.55
CA ALA G 9 -34.16 -53.14 -30.05
CA GLU G 10 -37.92 -52.19 -29.95
CA VAL G 11 -41.11 -54.22 -29.47
CA LYS G 12 -44.22 -52.33 -30.66
CA LYS G 13 -47.59 -53.78 -31.77
CA PRO G 14 -50.01 -52.96 -34.71
CA GLY G 15 -51.47 -49.41 -34.93
CA SER G 16 -49.24 -47.91 -32.23
CA SER G 17 -46.16 -45.67 -32.81
CA VAL G 18 -42.37 -45.93 -32.69
CA LYS G 19 -39.92 -43.06 -31.77
CA VAL G 20 -36.32 -44.12 -32.51
CA SER G 21 -33.45 -41.94 -31.25
CA CYS G 22 -29.95 -41.61 -32.90
CA LYS G 23 -27.08 -39.64 -31.15
CA ALA G 24 -24.53 -38.63 -33.72
CA SER G 25 -21.35 -37.92 -31.95
CA GLY G 26 -17.72 -37.38 -32.84
CA GLY G 27 -17.96 -33.79 -33.87
CA THR G 28 -19.97 -30.71 -34.26
CA PHE G 29 -23.63 -31.81 -34.55
CA ASN G 30 -24.49 -28.68 -36.65
CA ASN G 31 -22.00 -29.71 -39.33
CA TYR G 32 -23.88 -33.03 -39.97
CA ALA G 33 -26.92 -33.36 -42.11
CA ILE G 34 -28.77 -36.62 -41.49
CA SER G 35 -31.50 -38.78 -43.18
CA TRP G 36 -33.38 -41.93 -41.88
CA VAL G 37 -33.62 -44.97 -44.18
CA ARG G 38 -35.54 -48.09 -43.41
CA GLN G 39 -35.49 -51.44 -45.10
CA ALA G 40 -38.33 -53.82 -44.56
CA PRO G 41 -37.30 -57.51 -45.22
CA GLY G 42 -37.88 -58.68 -48.90
CA GLN G 43 -37.60 -55.01 -50.06
CA GLY G 44 -34.79 -52.59 -50.84
CA LEU G 45 -33.67 -49.49 -48.99
CA GLU G 46 -36.46 -46.87 -48.69
CA TRP G 47 -35.61 -43.29 -47.73
CA MET G 48 -37.97 -41.60 -45.30
CA GLY G 49 -36.65 -38.22 -44.96
CA GLY G 50 -33.82 -35.81 -44.33
CA ILE G 51 -33.25 -33.02 -41.72
CA ILE G 52 -30.61 -30.22 -41.66
CA PRO G 53 -30.41 -29.82 -37.89
CA ILE G 54 -28.75 -26.38 -37.86
CA PHE G 55 -32.00 -24.87 -39.14
CA GLY G 56 -34.09 -27.84 -38.05
CA GLY G 57 -35.59 -27.68 -41.64
CA ALA G 58 -36.94 -30.97 -42.95
CA ASN G 59 -38.23 -32.56 -46.16
CA TYR G 60 -39.88 -36.01 -46.34
CA ALA G 61 -40.38 -38.76 -49.02
CA GLN G 62 -43.95 -38.39 -50.19
CA LYS G 63 -44.93 -41.96 -49.00
CA PHE G 64 -44.28 -40.99 -45.40
CA GLN G 65 -45.37 -37.34 -45.50
CA GLY G 66 -47.88 -36.72 -42.69
CA ARG G 67 -46.86 -39.85 -40.88
CA VAL G 68 -43.26 -39.00 -39.97
CA THR G 69 -41.62 -36.19 -37.90
CA ILE G 70 -37.95 -35.89 -37.86
CA THR G 71 -36.65 -33.67 -35.14
CA ALA G 72 -33.11 -32.95 -34.04
CA ASP G 73 -32.17 -31.72 -30.62
CA ARG G 74 -29.14 -29.42 -30.42
CA SER G 75 -28.30 -29.74 -26.83
CA THR G 76 -28.12 -33.54 -26.45
CA SER G 77 -26.64 -34.03 -29.87
CA THR G 78 -29.45 -36.31 -31.00
CA VAL G 79 -31.78 -36.75 -33.99
CA TYR G 80 -35.09 -38.44 -33.58
CA MET G 81 -37.48 -40.10 -35.91
CA GLU G 82 -41.07 -40.42 -34.91
CA LEU G 83 -43.36 -42.60 -36.92
CA SER G 84 -47.06 -42.55 -35.97
CA GLY G 85 -49.79 -44.21 -38.18
CA LEU G 86 -48.13 -47.71 -38.20
CA ARG G 87 -49.74 -51.01 -39.31
CA SER G 88 -48.00 -54.46 -39.38
CA GLU G 89 -46.43 -53.83 -42.90
CA ASP G 90 -44.23 -51.03 -41.22
CA THR G 91 -42.09 -53.92 -39.56
CA ALA G 92 -38.53 -52.99 -40.57
CA VAL G 93 -34.99 -52.31 -39.54
CA TYR G 94 -34.73 -48.52 -39.15
CA TYR G 95 -31.31 -46.94 -39.82
CA CYS G 96 -30.18 -43.29 -39.13
CA ALA G 97 -27.51 -42.24 -41.65
CA ARG G 98 -25.07 -39.41 -41.93
CA ARG G 99 -24.20 -37.81 -45.18
CA PRO G 100 -21.74 -34.81 -45.03
CA GLN G 101 -19.40 -32.54 -42.99
CA SER G 102 -20.78 -29.57 -45.00
CA ILE G 103 -24.35 -28.33 -44.22
CA PHE G 104 -25.41 -29.34 -47.75
CA ASP G 105 -24.78 -31.93 -50.45
CA TRP G 106 -26.08 -35.47 -50.94
CA ASN G 107 -23.82 -38.60 -50.38
CA PHE G 108 -24.29 -41.03 -47.41
CA ASP G 109 -21.06 -42.44 -45.97
CA LEU G 110 -22.05 -43.70 -42.47
CA TRP G 111 -25.00 -45.94 -41.94
CA GLY G 112 -26.56 -46.94 -38.57
CA ARG G 113 -26.10 -49.99 -36.47
CA GLY G 114 -29.77 -50.66 -37.42
CA THR G 115 -32.56 -50.77 -35.01
CA LEU G 116 -35.25 -53.59 -35.58
CA VAL G 117 -38.77 -52.26 -34.83
CA THR G 118 -41.13 -55.23 -34.53
CA VAL G 119 -44.79 -54.48 -35.38
CA SER G 120 -46.52 -57.69 -34.35
CA SER G 121 -48.51 -58.73 -31.31
CA ALA G 122 -46.07 -61.62 -31.05
CA SER H 2 -40.26 -42.64 -60.26
CA VAL H 3 -37.93 -45.47 -59.62
CA LEU H 4 -34.70 -46.24 -61.50
CA THR H 5 -34.45 -49.04 -64.05
CA GLN H 6 -31.94 -51.35 -62.36
CA PRO H 7 -31.94 -55.16 -62.97
CA PRO H 8 -32.91 -57.08 -59.71
CA SER H 9 -30.23 -59.57 -60.32
CA ALA H 10 -26.69 -60.08 -61.75
CA SER H 11 -24.57 -63.30 -61.98
CA GLY H 12 -21.15 -64.60 -62.73
CA THR H 13 -18.37 -67.10 -62.55
CA PRO H 14 -15.18 -66.16 -60.52
CA GLY H 15 -12.65 -64.23 -62.53
CA GLN H 16 -15.18 -62.61 -64.87
CA ARG H 17 -15.72 -58.86 -64.63
CA VAL H 18 -19.32 -57.75 -64.10
CA THR H 19 -20.71 -54.31 -64.66
CA ILE H 20 -23.90 -53.69 -62.68
CA SER H 21 -25.89 -50.87 -64.41
CA CYS H 22 -28.25 -48.27 -62.75
CA SER H 23 -30.04 -46.20 -65.58
CA GLY H 24 -32.73 -43.51 -64.83
CA SER H 25 -34.32 -41.36 -67.47
CA SER H 26 -32.63 -37.99 -67.56
CA SER H 27 -34.40 -35.93 -64.90
CA ASN H 28 -33.06 -38.04 -62.22
CA VAL H 29 -29.82 -39.43 -63.65
CA GLY H 30 -27.39 -37.26 -65.57
CA SER H 31 -28.12 -34.20 -63.46
CA ASN H 32 -27.13 -35.48 -60.06
CA TYR H 33 -24.19 -37.71 -59.25
CA VAL H 34 -24.92 -41.42 -58.77
CA TYR H 35 -23.59 -42.98 -55.51
CA TRP H 36 -22.91 -46.68 -55.05
CA TYR H 37 -23.21 -48.99 -52.00
CA GLN H 38 -22.34 -52.59 -51.28
CA GLN H 39 -24.41 -54.45 -48.70
CA LEU H 40 -23.24 -57.93 -47.71
CA PRO H 41 -26.18 -59.85 -46.30
CA GLY H 42 -26.42 -59.25 -42.54
CA THR H 43 -24.14 -56.17 -42.73
CA ALA H 44 -25.18 -52.47 -42.81
CA PRO H 45 -24.32 -50.89 -46.38
CA LYS H 46 -20.75 -49.63 -47.09
CA LEU H 47 -20.03 -46.73 -49.46
CA LEU H 48 -17.93 -47.66 -52.41
CA ILE H 49 -18.24 -44.74 -54.73
CA TYR H 50 -18.99 -41.08 -54.36
CA ARG H 51 -19.07 -38.45 -56.99
CA ASN H 52 -18.34 -40.98 -59.68
CA ASN H 53 -14.64 -40.90 -59.31
CA ARG H 54 -13.67 -41.20 -55.63
CA ARG H 55 -13.78 -43.93 -52.99
CA PRO H 56 -13.16 -44.15 -49.18
CA SER H 57 -9.65 -45.21 -48.02
CA GLY H 58 -8.83 -48.86 -48.07
CA VAL H 59 -11.17 -49.86 -50.97
CA PRO H 60 -9.47 -51.78 -53.83
CA ASP H 61 -9.07 -50.38 -57.31
CA ARG H 62 -11.04 -53.25 -58.59
CA PHE H 63 -14.26 -51.16 -58.23
CA SER H 64 -14.66 -48.29 -60.65
CA GLY H 65 -17.59 -46.02 -61.51
CA SER H 66 -18.76 -44.77 -64.84
CA LYS H 67 -21.33 -42.12 -65.38
CA SER H 68 -22.74 -41.55 -68.97
CA GLY H 69 -25.21 -38.87 -69.58
CA THR H 70 -28.24 -41.26 -68.91
CA SER H 71 -26.69 -44.43 -67.41
CA ALA H 72 -24.37 -45.15 -64.53
CA SER H 73 -22.39 -48.36 -64.05
CA LEU H 74 -20.39 -49.87 -61.20
CA ALA H 75 -17.93 -52.09 -62.69
CA ILE H 76 -16.25 -54.73 -60.48
CA SER H 77 -13.21 -55.99 -62.34
CA GLY H 78 -13.14 -59.71 -61.49
CA LEU H 79 -15.20 -61.69 -59.12
CA ARG H 80 -14.73 -63.09 -55.71
CA SER H 81 -16.94 -64.19 -52.98
CA GLU H 82 -17.08 -60.89 -51.06
CA ASP H 83 -18.66 -59.28 -54.13
CA GLU H 84 -21.64 -61.45 -53.52
CA ALA H 85 -23.82 -58.78 -51.88
CA ASP H 86 -26.64 -56.55 -53.00
CA TYR H 87 -25.53 -53.24 -54.69
CA TYR H 88 -27.60 -50.20 -54.34
CA CYS H 89 -27.28 -46.99 -56.41
CA ALA H 90 -28.72 -43.90 -55.00
CA THR H 91 -29.37 -40.62 -56.90
CA TRP H 92 -31.59 -37.56 -56.35
CA ASP H 93 -34.77 -37.45 -58.38
CA ASP H 94 -34.90 -33.75 -59.68
CA SER H 95 -38.54 -34.09 -61.06
CA LEU H 96 -40.04 -35.50 -57.82
CA SER H 97 -37.71 -33.79 -55.27
CA GLY H 98 -37.02 -37.06 -53.40
CA LEU H 99 -33.97 -39.39 -53.05
CA VAL H 100 -34.46 -42.47 -55.17
CA PHE H 101 -32.93 -45.88 -54.80
CA GLY H 102 -33.22 -48.51 -57.49
CA GLY H 103 -34.56 -51.91 -56.86
CA GLY H 104 -30.95 -53.06 -55.92
CA THR H 105 -28.99 -55.67 -57.93
CA LYS H 106 -28.37 -58.95 -56.13
CA LEU H 107 -25.04 -60.02 -57.47
CA THR H 108 -24.64 -63.76 -57.22
CA VAL H 109 -21.23 -65.29 -57.36
CA LEU H 110 -22.00 -68.81 -58.56
CA GLY H 111 -20.14 -71.46 -56.49
CA GLN H 112 -22.49 -74.06 -54.93
CA GLN I 3 14.45 -0.20 57.71
CA LEU I 4 17.71 1.58 57.66
CA VAL I 5 20.52 -0.76 56.72
CA GLU I 6 24.14 0.25 57.10
CA SER I 7 27.27 -0.81 55.41
CA GLY I 8 29.53 -3.34 57.25
CA ALA I 9 32.53 -2.15 59.37
CA GLU I 10 35.28 -0.20 57.75
CA VAL I 11 38.93 -0.50 58.43
CA LYS I 12 40.78 2.69 57.54
CA LYS I 13 44.16 4.07 58.42
CA PRO I 14 44.59 7.73 59.79
CA GLY I 15 44.52 10.69 57.32
CA SER I 16 42.17 8.83 54.83
CA SER I 17 38.59 9.73 54.08
CA VAL I 18 35.67 7.50 55.08
CA LYS I 19 32.32 7.12 53.37
CA VAL I 20 29.58 5.53 55.47
CA SER I 21 26.27 4.45 53.87
CA CYS I 22 22.79 4.16 55.03
CA LYS I 23 20.45 2.65 52.46
CA ALA I 24 17.05 3.66 53.61
CA SER I 25 14.11 1.39 52.62
CA GLY I 26 10.70 0.41 54.01
CA GLY I 27 9.03 3.66 52.92
CA THR I 28 9.85 5.88 49.91
CA PHE I 29 13.05 7.93 50.17
CA ASN I 30 11.52 11.58 49.88
CA ASN I 31 9.30 10.91 53.03
CA TYR I 32 12.40 9.95 55.12
CA ALA I 33 14.93 12.37 56.43
CA ILE I 34 18.22 11.27 58.15
CA SER I 35 20.60 12.21 60.87
CA TRP I 36 23.94 10.95 61.62
CA VAL I 37 24.86 10.46 65.23
CA ARG I 38 28.15 8.98 66.44
CA GLN I 39 29.36 7.44 69.74
CA ALA I 40 33.01 7.12 70.52
CA PRO I 41 33.45 4.97 73.78
CA GLY I 42 34.59 7.01 76.86
CA GLN I 43 32.48 10.08 75.88
CA GLY I 44 28.65 10.44 75.32
CA LEU I 45 26.54 10.78 72.16
CA GLU I 46 27.75 13.37 69.64
CA TRP I 47 25.24 14.57 67.10
CA MET I 48 26.90 14.94 63.68
CA GLY I 49 24.49 16.31 61.24
CA GLY I 50 21.02 15.98 59.54
CA ILE I 51 20.08 16.03 55.89
CA ILE I 52 16.43 16.39 54.63
CA PRO I 53 16.89 14.31 51.35
CA ILE I 54 13.82 15.63 49.39
CA PHE I 55 15.58 19.07 49.07
CA GLY I 56 19.19 18.24 50.03
CA GLY I 57 19.28 20.62 52.97
CA ALA I 58 21.70 19.70 55.54
CA ASN I 59 23.02 21.18 58.71
CA TYR I 60 26.18 20.03 60.57
CA ALA I 61 27.43 20.52 64.10
CA GLN I 62 30.18 23.07 64.43
CA LYS I 63 32.27 20.25 66.09
CA PHE I 64 32.44 18.43 62.68
CA GLN I 65 32.52 21.46 60.45
CA GLY I 66 35.07 21.88 57.70
CA ARG I 67 35.37 18.06 57.46
CA VAL I 68 31.95 16.63 57.00
CA THR I 69 29.79 16.34 53.81
CA ILE I 70 26.33 14.61 53.74
CA THR I 71 25.11 13.71 50.23
CA ALA I 72 22.13 11.63 49.23
CA ASP I 73 21.38 9.99 46.06
CA ARG I 74 17.75 9.26 45.39
CA SER I 75 18.32 6.56 42.90
CA THR I 76 19.59 3.70 45.10
CA SER I 77 17.94 5.52 48.04
CA THR I 78 21.19 5.90 49.95
CA VAL I 79 22.55 8.68 52.07
CA TYR I 80 26.29 9.06 52.41
CA MET I 81 28.47 10.58 55.16
CA GLU I 82 31.87 11.55 53.86
CA LEU I 83 34.37 12.69 56.39
CA SER I 84 37.68 14.12 54.96
CA GLY I 85 40.77 12.95 56.81
CA LEU I 86 40.93 10.99 59.93
CA ARG I 87 42.54 10.79 63.24
CA SER I 88 42.44 8.16 66.08
CA GLU I 89 39.44 9.83 67.92
CA ASP I 90 37.07 9.20 64.97
CA THR I 91 37.13 5.49 65.95
CA ALA I 92 33.49 4.99 66.87
CA VAL I 93 30.12 3.51 66.06
CA TYR I 94 28.47 5.80 63.57
CA TYR I 95 24.54 5.57 63.44
CA CYS I 96 21.90 6.68 60.99
CA ALA I 97 18.65 7.85 62.50
CA ARG I 98 15.34 8.87 60.91
CA ARG I 99 13.76 12.23 61.52
CA PRO I 100 10.04 12.28 61.28
CA GLN I 101 8.33 12.85 57.88
CA SER I 102 10.68 15.61 56.77
CA ILE I 103 9.84 18.17 59.51
CA PHE I 104 12.07 20.78 61.07
CA ASP I 105 12.33 19.04 64.45
CA TRP I 106 15.47 17.03 65.20
CA ASN I 107 13.49 14.31 66.86
CA PHE I 108 14.58 10.85 65.91
CA ASP I 109 12.20 7.85 66.00
CA LEU I 110 13.98 5.20 63.93
CA TRP I 111 17.48 4.02 64.63
CA GLY I 112 19.98 2.09 62.48
CA ARG I 113 22.24 -0.64 63.62
CA GLY I 114 25.69 1.03 63.44
CA THR I 115 28.80 1.15 61.25
CA LEU I 116 31.90 0.59 63.24
CA VAL I 117 34.56 2.75 61.68
CA THR I 118 37.90 1.56 62.88
CA VAL I 119 40.87 3.92 62.71
CA SER I 120 43.95 1.81 63.36
CA SER I 121 47.58 1.97 62.17
CA ALA I 122 47.76 -1.77 61.94
CA SER J 2 25.95 25.28 77.87
CA VAL J 3 25.78 21.49 77.29
CA LEU J 4 23.42 19.00 78.65
CA THR J 5 24.82 17.18 81.60
CA GLN J 6 23.08 14.41 83.57
CA PRO J 7 24.18 12.57 86.79
CA PRO J 8 27.32 10.59 85.85
CA SER J 9 25.98 7.35 87.50
CA ALA J 10 22.68 6.44 89.13
CA SER J 11 21.52 3.31 91.08
CA GLY J 12 18.27 1.82 92.43
CA THR J 13 16.57 -1.46 93.13
CA PRO J 14 13.62 -2.36 90.74
CA GLY J 15 10.09 -1.48 91.80
CA GLN J 16 11.17 2.01 92.92
CA ARG J 17 10.02 5.31 91.27
CA VAL J 18 13.28 6.81 90.01
CA THR J 19 13.86 10.20 88.36
CA ILE J 20 16.76 10.70 85.96
CA SER J 21 17.42 14.43 85.79
CA CYS J 22 18.41 16.39 82.74
CA SER J 23 20.06 19.64 83.58
CA GLY J 24 20.74 22.16 80.87
CA SER J 25 19.98 25.83 80.43
CA SER J 26 16.98 28.00 80.06
CA SER J 27 17.14 28.62 76.21
CA ASN J 28 17.14 24.98 75.23
CA VAL J 29 15.35 22.75 77.83
CA GLY J 30 12.44 24.92 78.43
CA SER J 31 12.48 26.46 74.88
CA ASN J 32 12.35 23.35 72.60
CA TYR J 33 10.81 19.87 72.20
CA VAL J 34 12.98 17.58 74.32
CA TYR J 35 13.82 13.99 73.31
CA TRP J 36 14.89 11.17 75.63
CA TYR J 37 16.96 8.21 74.40
CA GLN J 38 17.89 4.95 76.06
CA GLN J 39 21.19 3.27 75.16
CA LEU J 40 21.51 -0.31 76.13
CA PRO J 41 25.11 -1.38 75.17
CA GLY J 42 26.01 -2.46 71.69
CA THR J 43 22.79 -1.10 70.29
CA ALA J 44 21.89 2.17 68.62
CA PRO J 45 19.79 4.43 70.99
CA LYS J 46 16.10 3.94 71.53
CA LEU J 47 13.41 6.78 71.61
CA LEU J 48 11.70 7.08 75.01
CA ILE J 49 9.93 10.42 75.05
CA TYR J 50 9.28 12.77 72.08
CA ARG J 51 7.64 16.28 72.19
CA ASN J 52 8.63 17.01 75.91
CA ASN J 53 6.67 14.27 77.62
CA ARG J 54 4.54 12.58 74.91
CA ARG J 55 5.12 8.84 74.57
CA PRO J 56 5.12 7.52 71.02
CA SER J 57 2.99 4.75 70.01
CA GLY J 58 4.85 1.45 70.34
CA VAL J 59 6.97 2.70 73.20
CA PRO J 60 6.14 1.41 76.80
CA ASP J 61 4.32 3.50 79.36
CA ARG J 62 6.75 2.73 82.19
CA PHE J 63 8.85 5.68 81.00
CA SER J 64 7.36 9.14 81.36
CA GLY J 65 8.79 12.59 80.84
CA SER J 66 8.22 15.53 82.92
CA LYS J 67 9.03 18.99 81.88
CA SER J 68 9.65 22.03 84.15
CA GLY J 69 10.51 25.64 83.22
CA THR J 70 14.24 24.98 82.73
CA SER J 71 14.47 21.24 83.57
CA ALA J 72 13.31 18.01 82.20
CA SER J 73 13.23 14.72 84.03
CA LEU J 74 12.59 11.23 82.92
CA ALA J 75 10.73 9.39 85.55
CA ILE J 76 10.66 5.61 85.42
CA SER J 77 7.96 3.91 87.22
CA GLY J 78 7.92 0.08 87.09
CA LEU J 79 11.67 -0.23 86.85
CA ARG J 80 12.96 -3.80 86.11
CA SER J 81 16.51 -4.92 86.23
CA GLU J 82 16.70 -5.54 82.50
CA ASP J 83 15.91 -1.78 81.80
CA GLU J 84 19.45 -1.18 83.16
CA ALA J 85 21.11 1.04 80.56
CA ASP J 86 22.57 4.60 79.95
CA TYR J 87 19.93 7.32 79.42
CA TYR J 88 20.72 10.53 77.33
CA CYS J 89 18.34 13.45 76.95
CA ALA J 90 18.81 15.50 73.80
CA THR J 91 17.36 18.88 72.77
CA TRP J 92 17.96 21.31 69.97
CA ASP J 93 19.96 24.39 71.19
CA ASP J 94 18.36 27.26 69.29
CA SER J 95 21.23 29.78 69.93
CA LEU J 96 24.26 27.77 68.60
CA SER J 97 22.00 25.75 66.18
CA GLY J 98 23.07 22.30 67.19
CA LEU J 99 21.49 19.21 68.75
CA VAL J 100 23.07 18.56 72.19
CA PHE J 101 23.17 15.19 73.98
CA GLY J 102 23.31 14.53 77.69
CA GLY J 103 26.28 13.53 79.94
CA GLY J 104 24.81 10.08 80.01
CA THR J 105 23.24 8.52 83.05
CA LYS J 106 24.34 4.91 83.64
CA LEU J 107 21.46 3.73 85.61
CA THR J 108 22.63 0.50 87.44
CA VAL J 109 19.85 -1.77 88.64
CA LEU J 110 20.85 -3.96 91.68
CA GLY J 111 19.60 -7.58 91.59
CA GLN J 112 22.80 -9.26 90.22
CA GLN K 3 26.57 -22.53 -0.42
CA LEU K 4 23.12 -24.01 -0.52
CA VAL K 5 22.12 -25.76 2.69
CA GLU K 6 18.80 -27.61 2.58
CA SER K 7 16.82 -29.50 5.33
CA GLY K 8 17.24 -33.28 6.00
CA ALA K 9 15.10 -35.99 4.50
CA GLU K 10 11.46 -36.20 4.87
CA VAL K 11 9.08 -39.18 5.21
CA LYS K 12 5.65 -37.97 4.18
CA LYS K 13 2.17 -39.34 3.55
CA PRO K 14 0.45 -38.69 0.07
CA GLY K 15 -1.70 -35.56 -0.52
CA SER K 16 -0.05 -33.37 2.07
CA SER K 17 2.24 -30.44 1.88
CA VAL K 18 5.95 -30.72 2.52
CA LYS K 19 8.04 -27.61 2.68
CA VAL K 20 11.74 -27.96 1.77
CA SER K 21 14.15 -25.12 2.60
CA CYS K 22 17.20 -23.97 0.84
CA LYS K 23 19.27 -21.32 2.41
CA ALA K 24 21.30 -19.69 -0.30
CA SER K 25 24.36 -17.80 1.03
CA GLY K 26 27.91 -16.66 0.37
CA GLY K 27 26.92 -13.85 -1.83
CA THR K 28 23.69 -11.92 -1.97
CA PHE K 29 20.10 -13.37 -2.06
CA ASN K 30 18.62 -10.75 -4.37
CA ASN K 31 21.52 -11.30 -6.82
CA TYR K 32 20.88 -14.99 -6.72
CA ALA K 33 18.05 -16.51 -8.77
CA ILE K 34 17.36 -20.09 -7.58
CA SER K 35 15.25 -22.86 -9.23
CA TRP K 36 13.86 -26.05 -7.64
CA VAL K 37 14.93 -29.07 -9.66
CA ARG K 38 14.01 -32.70 -8.93
CA GLN K 39 15.25 -36.06 -10.01
CA ALA K 40 13.14 -39.16 -9.24
CA PRO K 41 14.64 -42.70 -9.27
CA GLY K 42 13.94 -44.48 -12.52
CA GLN K 43 13.36 -41.18 -14.27
CA GLY K 44 15.26 -38.05 -15.41
CA LEU K 45 15.89 -34.50 -14.46
CA GLU K 46 12.72 -32.44 -13.99
CA TRP K 47 12.56 -28.64 -13.71
CA MET K 48 9.80 -27.52 -11.31
CA GLY K 49 9.77 -23.69 -11.29
CA GLY K 50 12.25 -20.70 -10.93
CA ILE K 51 12.24 -17.63 -8.69
CA ILE K 52 13.98 -14.28 -8.95
CA PRO K 53 14.21 -13.16 -5.17
CA ILE K 54 14.78 -9.44 -6.07
CA PHE K 55 11.34 -9.32 -7.46
CA GLY K 56 10.11 -12.30 -5.47
CA GLY K 57 8.46 -13.40 -8.71
CA ALA K 58 8.02 -16.94 -9.74
CA ASN K 59 6.90 -19.07 -12.54
CA TYR K 60 6.37 -22.96 -12.65
CA ALA K 61 6.42 -25.52 -15.36
CA GLN K 62 2.82 -26.67 -16.27
CA LYS K 63 3.26 -30.07 -14.56
CA PHE K 64 3.28 -28.59 -11.15
CA GLN K 65 0.79 -25.75 -11.51
CA GLY K 66 -1.72 -25.39 -8.76
CA ARG K 67 0.31 -27.72 -6.52
CA VAL K 68 3.52 -25.87 -5.89
CA THR K 69 4.23 -22.80 -3.91
CA ILE K 70 7.71 -21.05 -3.94
CA THR K 71 8.26 -18.45 -1.26
CA ALA K 72 11.26 -16.47 0.04
CA ASP K 73 12.40 -14.67 3.17
CA ARG K 74 15.00 -12.06 2.58
CA SER K 75 15.83 -11.74 6.16
CA THR K 76 17.08 -15.21 6.87
CA SER K 77 18.08 -15.50 3.24
CA THR K 78 16.18 -18.60 2.64
CA VAL K 79 13.99 -19.64 -0.26
CA TYR K 80 11.25 -22.31 0.20
CA MET K 81 9.58 -24.91 -2.05
CA GLU K 82 6.20 -26.30 -0.76
CA LEU K 83 4.58 -29.30 -2.73
CA SER K 84 1.02 -30.37 -1.95
CA GLY K 85 -0.84 -33.05 -3.70
CA LEU K 86 1.97 -35.61 -3.29
CA ARG K 87 1.96 -38.90 -5.09
CA SER K 88 4.39 -41.68 -5.59
CA GLU K 89 6.45 -39.94 -8.44
CA ASP K 90 7.15 -37.12 -5.95
CA THR K 91 9.57 -39.47 -4.22
CA ALA K 92 12.82 -37.86 -5.53
CA VAL K 93 16.03 -36.01 -4.53
CA TYR K 94 15.16 -32.30 -4.50
CA TYR K 95 17.94 -29.84 -5.46
CA CYS K 96 17.78 -26.16 -5.16
CA ALA K 97 20.28 -24.91 -7.75
CA ARG K 98 21.57 -21.40 -8.18
CA ARG K 99 22.53 -19.78 -11.44
CA PRO K 100 23.67 -16.14 -11.35
CA GLN K 101 25.61 -13.34 -9.78
CA SER K 102 23.62 -11.12 -12.08
CA ILE K 103 19.83 -11.12 -11.78
CA PHE K 104 19.11 -13.44 -14.72
CA ASP K 105 20.19 -16.64 -16.40
CA TRP K 106 18.36 -19.86 -17.37
CA ASN K 107 21.50 -21.92 -16.49
CA PHE K 108 22.71 -23.76 -13.37
CA ASP K 109 26.31 -23.91 -12.05
CA LEU K 110 25.98 -24.32 -8.31
CA TRP K 111 23.76 -27.16 -6.79
CA GLY K 112 22.80 -27.80 -3.21
CA ARG K 113 23.54 -31.33 -1.84
CA GLY K 114 19.99 -32.68 -2.26
CA THR K 115 16.91 -33.44 -0.06
CA LEU K 116 15.34 -36.92 -0.33
CA VAL K 117 11.60 -36.65 0.05
CA THR K 118 10.01 -40.09 0.46
CA VAL K 119 6.24 -40.16 -0.44
CA SER K 120 4.93 -43.50 0.82
CA SER K 121 1.98 -44.72 2.89
CA ALA K 122 4.58 -45.97 5.49
CA SER L 2 7.40 -31.18 -26.51
CA VAL L 3 9.70 -33.97 -25.37
CA LEU L 4 13.23 -34.36 -26.84
CA THR L 5 14.56 -37.80 -27.92
CA GLN L 6 17.87 -39.39 -27.13
CA PRO L 7 18.82 -43.16 -27.50
CA PRO L 8 18.65 -44.62 -23.90
CA SER L 9 22.31 -45.86 -24.22
CA ALA L 10 25.58 -45.33 -25.99
CA SER L 11 28.74 -47.29 -25.98
CA GLY L 12 32.06 -46.61 -27.61
CA THR L 13 35.66 -47.65 -27.00
CA PRO L 14 38.21 -45.76 -24.91
CA GLY L 15 40.45 -43.02 -26.72
CA GLN L 16 37.85 -42.41 -29.40
CA ARG L 17 35.19 -39.45 -29.53
CA VAL L 18 31.50 -40.35 -28.93
CA THR L 19 28.71 -38.06 -30.12
CA ILE L 20 25.59 -38.25 -27.98
CA SER L 21 22.67 -36.77 -29.82
CA CYS L 22 19.64 -34.80 -28.61
CA SER L 23 17.19 -34.27 -31.43
CA GLY L 24 14.21 -32.07 -31.40
CA SER L 25 12.49 -29.59 -33.76
CA SER L 26 13.34 -25.83 -34.13
CA SER L 27 10.64 -25.12 -31.48
CA ASN L 28 12.91 -27.26 -29.15
CA VAL L 29 16.64 -26.70 -29.73
CA GLY L 30 17.40 -23.61 -31.86
CA SER L 31 14.41 -21.92 -30.19
CA ASN L 32 16.73 -21.06 -27.22
CA TYR L 33 19.89 -22.23 -25.34
CA VAL L 34 20.77 -25.93 -25.04
CA TYR L 35 22.30 -26.87 -21.60
CA TRP L 36 24.00 -30.28 -21.05
CA TYR L 37 24.10 -31.73 -17.55
CA GLN L 38 26.10 -34.84 -16.49
CA GLN L 39 24.61 -37.14 -13.72
CA LEU L 40 27.08 -39.57 -12.13
CA PRO L 41 25.16 -42.02 -9.70
CA GLY L 42 24.02 -40.44 -6.54
CA THR L 43 25.06 -36.95 -7.30
CA ALA L 44 23.64 -33.61 -8.23
CA PRO L 45 23.91 -32.82 -11.99
CA LYS L 46 26.92 -30.88 -13.09
CA LEU L 47 26.93 -28.22 -15.79
CA LEU L 48 28.71 -29.34 -18.89
CA ILE L 49 27.59 -26.96 -21.69
CA TYR L 50 25.89 -23.64 -21.26
CA ARG L 51 24.57 -20.83 -23.42
CA ASN L 52 24.08 -22.60 -26.84
CA ASN L 53 27.30 -24.59 -27.35
CA ARG L 54 29.74 -22.60 -25.03
CA ARG L 55 31.82 -24.15 -22.38
CA PRO L 56 31.66 -23.25 -18.66
CA SER L 57 35.11 -22.60 -17.00
CA GLY L 58 36.62 -25.41 -15.26
CA VAL L 59 34.79 -28.11 -17.18
CA PRO L 60 37.34 -30.63 -18.71
CA ASP L 61 38.40 -30.48 -22.39
CA ARG L 62 36.82 -33.86 -22.78
CA PHE L 63 33.31 -32.30 -23.04
CA SER L 64 32.60 -30.24 -26.10
CA GLY L 65 29.18 -29.07 -27.53
CA SER L 66 27.94 -28.93 -31.08
CA LYS L 67 24.69 -27.29 -32.25
CA SER L 68 22.97 -27.79 -35.45
CA GLY L 69 19.71 -26.03 -36.60
CA THR L 70 17.29 -28.61 -35.14
CA SER L 71 19.61 -30.92 -33.22
CA ALA L 72 22.24 -30.52 -30.46
CA SER L 73 25.11 -32.86 -29.63
CA LEU L 74 27.64 -33.48 -26.95
CA ALA L 75 30.83 -34.66 -28.60
CA ILE L 76 33.20 -36.07 -25.97
CA SER L 77 36.74 -36.02 -27.20
CA GLY L 78 38.16 -39.20 -25.95
CA LEU L 79 36.77 -41.70 -23.59
CA ARG L 80 37.84 -42.53 -20.11
CA SER L 81 36.25 -44.28 -17.13
CA GLU L 82 34.84 -41.11 -15.39
CA ASP L 83 32.82 -40.70 -18.59
CA GLU L 84 30.66 -43.59 -17.56
CA ALA L 85 27.60 -41.61 -16.55
CA ASP L 86 24.12 -40.49 -17.58
CA TYR L 87 24.10 -37.55 -19.94
CA TYR L 88 21.03 -35.32 -20.00
CA CYS L 89 20.36 -32.58 -22.67
CA ALA L 90 18.07 -29.69 -21.61
CA THR L 91 16.67 -26.80 -23.64
CA TRP L 92 13.79 -24.39 -22.85
CA ASP L 93 10.47 -24.74 -24.53
CA ASP L 94 7.80 -22.15 -24.55
CA SER L 95 5.25 -24.90 -25.34
CA LEU L 96 5.50 -25.91 -21.67
CA SER L 97 7.16 -22.76 -20.34
CA GLY L 98 10.02 -24.43 -18.38
CA LEU L 99 12.98 -26.61 -19.30
CA VAL L 100 12.14 -30.00 -21.02
CA PHE L 101 14.69 -32.83 -21.34
CA GLY L 102 15.67 -35.82 -23.25
CA GLY L 103 15.34 -39.50 -22.28
CA GLY L 104 18.90 -39.66 -20.96
CA THR L 105 21.93 -41.40 -22.39
CA LYS L 106 23.78 -43.89 -20.14
CA LEU L 107 27.21 -43.79 -21.68
CA THR L 108 29.15 -47.07 -21.41
CA VAL L 109 32.86 -47.07 -21.33
CA LEU L 110 33.96 -50.37 -22.95
CA GLY L 111 37.40 -50.60 -21.37
CA GLN L 112 36.73 -54.45 -21.03
#